data_8WRZ
#
_entry.id   8WRZ
#
_cell.length_a   1.00
_cell.length_b   1.00
_cell.length_c   1.00
_cell.angle_alpha   90.00
_cell.angle_beta   90.00
_cell.angle_gamma   90.00
#
_symmetry.space_group_name_H-M   'P 1'
#
loop_
_entity.id
_entity.type
_entity.pdbx_description
1 polymer Beta-arrestin-1
2 polymer 'scfv30 light chain, scfv30 heavy chain'
3 polymer 'Soluble cytochrome b562,Cannabinoid receptor 1'
4 polymer 'Vasopressin V2 receptor'
5 non-polymer (6~{a}~{R},9~{R},10~{a}~{R})-9-(hydroxymethyl)-3-(8-isothiocyanato-2-methyl-octan-2-yl)-6,6-dimethyl-6~{a},7,8,9,10,10~{a}-hexahydrobenzo[c]chromen-1-ol
#
loop_
_entity_poly.entity_id
_entity_poly.type
_entity_poly.pdbx_seq_one_letter_code
_entity_poly.pdbx_strand_id
1 'polypeptide(L)'
;MGDKGTRVFKKASPNGKLTVYLGKRDFVDHIDLVDPVDGVVLVDPEYLKERRVYVTLTCAFRYGREDLDVLGLTFRKDLF
VANVQSFPPAPEDKKPLTRLQERLIKKLGEHAYPFTFEIPPNLPCSVTLQPGPEDTGKACGVDYEVKAFCAENLEEKIHK
RNSVRLVIRKVQYAPERPGPQPTAETTRQFLMSDKPLHLEASLDKEIYYHGEPISVNVHVTNNTNKTVKKIKISVRQYAD
ICLFNTAQYKCPVAMEEADDTVAPSSTFCKVYTLTPFLANNREKRGLALDGKLKHEDTNLASSTLLREGANREILGIIVS
YKVKVKLVVSRGGLLGDLASSDVAVELPFTLMHPKPKEEPPHREVPENETPVDTNLIELDTNDDDIVFEDFAR
;
A
2 'polypeptide(L)'
;MKKNIAFLLASMFVFSIATNAYASDIQMTQSPSSLSASVGDRVTITCRASQSVSSAVAWYQQKPGKAPKLLIYSASSLYS
GVPSRFSGSRSGTDFTLTISSLQPEDFATYYCQQYKYVPVTFGQGTKVEIKGTTAASGSSGGSSSGAEVQLVESGGGLVQ
PGGSLRLSCAASGFNVYSSSIHWVRQAPGKGLEWVASISSYYGYTYYADSVKGRFTISADTSKNTAYLQMNSLRAEDTAV
YYCARSRQFWYSGLDYWGQGTLVTVSSA
;
L
3 'polypeptide(L)'
;ADLEDNWETLNDNLKVIEKADNAAQVKDALTKMRAAALDAQKATPPKLEDKSPDSPEMKDFRHGFDILVGQIDDALKLAN
EGKVKEAQAAAEQLKTTRNAYIQKYLLEVLFQGPVPADQVNITEFYNKSLSSFKENEENIQCGENFMDIECFMVLNPSQQ
LAIAVLSLTLGTFTVLENLLVLCVILHSRSLRCRPSYHFIGSLAVADLLGSVIFVYSFIDFHVFHRKDSRNVFLFKLGGV
TASFTASVGSLFLIAIDRYISIHRPLAYKRIVTRPKAVVAFCLMWTIAIVIAVLPLLGWNCEKLQSVCSDIFPHIDKTYL
MFWIGVVSVLLLFIVYAYMYILWKAHSHAVRMIQRGTQKSIIIHTSEDGKVQVTRPDQARMDIELAKTLVLILVVLIICW
GPLLAIMVYDVFGKMNKLIKTVFAFCSMLCLLNSTVNPIIYALRSKDLRHAFRSMFPSCEGTAQPLDNSMGDSDCL
;
R
4 'polypeptide(L)' ARGRTPPSLGPQDESC(TPO)(TPO)A(SEP)(SEP)(SEP)LAK V
#
loop_
_chem_comp.id
_chem_comp.type
_chem_comp.name
_chem_comp.formula
8D0 non-polymer (6~{a}~{R},9~{R},10~{a}~{R})-9-(hydroxymethyl)-3-(8-isothiocyanato-2-methyl-octan-2-yl)-6,6-dimethyl-6~{a},7,8,9,10,10~{a}-hexahydrobenzo[c]chromen-1-ol 'C26 H39 N O3 S'
#
# COMPACT_ATOMS: atom_id res chain seq x y z
N THR A 6 23.86 26.49 1.35
CA THR A 6 24.42 25.34 0.66
C THR A 6 25.14 24.40 1.62
N ARG A 7 24.52 23.26 1.90
CA ARG A 7 25.12 22.27 2.77
C ARG A 7 24.96 20.91 2.09
N VAL A 8 25.75 19.94 2.54
CA VAL A 8 25.86 18.65 1.85
C VAL A 8 25.59 17.53 2.83
N PHE A 9 24.81 16.54 2.40
CA PHE A 9 24.47 15.41 3.25
C PHE A 9 25.70 14.54 3.52
N LYS A 10 25.56 13.66 4.51
CA LYS A 10 26.66 12.82 4.96
C LYS A 10 26.08 11.60 5.65
N LYS A 11 26.69 10.44 5.42
CA LYS A 11 26.28 9.19 6.08
C LYS A 11 27.53 8.36 6.34
N ALA A 12 27.87 8.18 7.60
CA ALA A 12 29.10 7.50 7.98
C ALA A 12 28.83 6.09 8.50
N SER A 13 29.78 5.20 8.25
CA SER A 13 29.77 3.85 8.77
C SER A 13 30.04 3.86 10.28
N PRO A 14 29.47 2.91 11.02
CA PRO A 14 29.81 2.82 12.45
C PRO A 14 31.28 2.56 12.69
N ASN A 15 31.97 1.89 11.76
CA ASN A 15 33.41 1.79 11.85
C ASN A 15 34.07 3.16 11.74
N GLY A 16 33.54 4.01 10.87
CA GLY A 16 34.01 5.36 10.72
C GLY A 16 34.93 5.59 9.53
N LYS A 17 35.51 4.52 8.98
CA LYS A 17 36.32 4.68 7.77
C LYS A 17 35.49 5.16 6.60
N LEU A 18 34.40 4.45 6.31
CA LEU A 18 33.61 4.70 5.11
C LEU A 18 32.58 5.79 5.38
N THR A 19 32.73 6.94 4.74
CA THR A 19 31.70 7.96 4.77
C THR A 19 31.37 8.38 3.34
N VAL A 20 30.11 8.68 3.08
CA VAL A 20 29.63 9.01 1.76
C VAL A 20 28.95 10.37 1.80
N TYR A 21 29.29 11.24 0.86
CA TYR A 21 28.69 12.56 0.77
C TYR A 21 27.92 12.69 -0.53
N LEU A 22 26.73 13.29 -0.44
CA LEU A 22 25.88 13.53 -1.60
C LEU A 22 25.41 14.98 -1.59
N GLY A 23 25.29 15.56 -2.78
CA GLY A 23 24.83 16.93 -2.87
C GLY A 23 23.36 17.08 -2.51
N LYS A 24 22.50 16.36 -3.22
CA LYS A 24 21.07 16.40 -2.95
C LYS A 24 20.56 14.99 -2.80
N ARG A 25 19.53 14.82 -1.97
CA ARG A 25 18.94 13.50 -1.81
C ARG A 25 17.76 13.29 -2.76
N ASP A 26 17.27 14.35 -3.38
CA ASP A 26 16.12 14.27 -4.27
C ASP A 26 16.57 14.49 -5.72
N PHE A 27 16.22 13.56 -6.60
CA PHE A 27 16.58 13.65 -8.01
C PHE A 27 15.34 13.59 -8.86
N VAL A 28 15.23 14.51 -9.80
CA VAL A 28 14.06 14.62 -10.66
C VAL A 28 14.40 14.07 -12.04
N ASP A 29 13.43 13.41 -12.65
CA ASP A 29 13.60 12.75 -13.94
C ASP A 29 12.66 13.40 -14.95
N HIS A 30 13.21 14.20 -15.85
CA HIS A 30 12.43 14.71 -16.96
C HIS A 30 12.27 13.61 -18.01
N ILE A 31 11.49 13.92 -19.04
CA ILE A 31 11.34 12.99 -20.15
C ILE A 31 12.67 12.83 -20.89
N ASP A 32 13.35 13.94 -21.16
CA ASP A 32 14.56 13.89 -21.98
C ASP A 32 15.71 13.21 -21.24
N LEU A 33 15.94 13.61 -19.99
CA LEU A 33 17.07 13.08 -19.25
C LEU A 33 16.80 13.22 -17.76
N VAL A 34 17.51 12.42 -16.98
CA VAL A 34 17.41 12.44 -15.53
C VAL A 34 18.68 13.07 -14.96
N ASP A 35 18.54 13.78 -13.86
CA ASP A 35 19.68 14.37 -13.19
C ASP A 35 20.60 13.28 -12.66
N PRO A 36 21.92 13.42 -12.83
CA PRO A 36 22.82 12.33 -12.44
C PRO A 36 22.89 12.19 -10.94
N VAL A 37 23.15 10.97 -10.49
CA VAL A 37 23.39 10.70 -9.08
C VAL A 37 24.87 10.87 -8.84
N ASP A 38 25.27 12.00 -8.25
CA ASP A 38 26.67 12.32 -8.05
C ASP A 38 27.01 12.34 -6.58
N GLY A 39 28.15 11.76 -6.22
CA GLY A 39 28.56 11.75 -4.83
C GLY A 39 30.04 11.51 -4.70
N VAL A 40 30.52 11.46 -3.46
CA VAL A 40 31.90 11.11 -3.18
C VAL A 40 31.94 10.17 -1.99
N VAL A 41 33.07 9.47 -1.86
CA VAL A 41 33.32 8.60 -0.73
C VAL A 41 34.69 8.95 -0.14
N LEU A 42 34.75 9.03 1.18
CA LEU A 42 35.96 9.35 1.92
C LEU A 42 36.26 8.24 2.91
N VAL A 43 37.51 7.79 2.93
CA VAL A 43 37.99 6.72 3.78
C VAL A 43 39.37 7.07 4.29
N ASP A 44 39.97 6.16 5.05
CA ASP A 44 41.36 6.23 5.44
C ASP A 44 42.05 4.95 4.96
N PRO A 45 42.58 4.91 3.74
CA PRO A 45 43.09 3.64 3.20
C PRO A 45 44.24 3.05 3.99
N GLU A 46 44.76 3.77 4.98
CA GLU A 46 45.75 3.18 5.87
C GLU A 46 45.17 1.99 6.62
N TYR A 47 43.86 1.95 6.81
CA TYR A 47 43.25 0.88 7.58
C TYR A 47 43.14 -0.40 6.76
N LEU A 48 42.92 -0.29 5.45
CA LEU A 48 42.80 -1.45 4.57
C LEU A 48 43.87 -1.40 3.49
N LYS A 49 44.75 -2.39 3.49
CA LYS A 49 45.84 -2.41 2.52
C LYS A 49 45.36 -2.85 1.14
N GLU A 50 44.42 -3.79 1.08
CA GLU A 50 43.96 -4.32 -0.19
C GLU A 50 42.46 -4.32 -0.40
N ARG A 51 41.66 -3.98 0.60
CA ARG A 51 40.22 -3.95 0.39
C ARG A 51 39.82 -2.75 -0.45
N ARG A 52 38.84 -2.96 -1.33
CA ARG A 52 38.39 -1.96 -2.28
C ARG A 52 37.13 -1.27 -1.77
N VAL A 53 36.72 -0.20 -2.45
CA VAL A 53 35.51 0.54 -2.10
C VAL A 53 34.54 0.45 -3.26
N TYR A 54 33.33 -0.05 -3.01
CA TYR A 54 32.32 -0.20 -4.05
C TYR A 54 31.09 0.61 -3.68
N VAL A 55 30.52 1.32 -4.66
CA VAL A 55 29.30 2.10 -4.47
C VAL A 55 28.30 1.68 -5.53
N THR A 56 27.08 1.37 -5.10
CA THR A 56 26.08 0.84 -6.02
C THR A 56 24.76 1.58 -5.88
N LEU A 57 24.07 1.70 -7.01
CA LEU A 57 22.69 2.16 -7.07
C LEU A 57 21.80 0.95 -7.32
N THR A 58 20.89 0.69 -6.40
CA THR A 58 20.00 -0.47 -6.48
C THR A 58 18.55 -0.01 -6.51
N CYS A 59 17.81 -0.51 -7.48
CA CYS A 59 16.37 -0.30 -7.57
C CYS A 59 15.66 -1.62 -7.31
N ALA A 60 14.70 -1.61 -6.40
CA ALA A 60 14.07 -2.84 -5.97
C ALA A 60 12.55 -2.68 -5.90
N PHE A 61 11.86 -3.64 -6.49
CA PHE A 61 10.41 -3.78 -6.39
C PHE A 61 10.14 -4.83 -5.32
N ARG A 62 10.20 -4.40 -4.07
CA ARG A 62 10.16 -5.32 -2.95
C ARG A 62 8.77 -5.43 -2.38
N TYR A 63 8.46 -6.61 -1.84
CA TYR A 63 7.18 -6.92 -1.22
C TYR A 63 6.03 -6.57 -2.14
N GLY A 64 5.20 -5.61 -1.76
CA GLY A 64 3.99 -5.35 -2.49
C GLY A 64 3.09 -6.57 -2.43
N ARG A 65 2.93 -7.12 -1.22
CA ARG A 65 2.17 -8.33 -0.95
C ARG A 65 2.75 -9.56 -1.64
N GLU A 66 4.01 -9.49 -2.07
CA GLU A 66 4.64 -10.67 -2.67
C GLU A 66 4.82 -11.78 -1.64
N ASP A 67 5.26 -11.42 -0.43
CA ASP A 67 5.59 -12.44 0.57
C ASP A 67 4.39 -13.28 0.96
N LEU A 68 3.16 -12.81 0.71
CA LEU A 68 1.99 -13.64 0.95
C LEU A 68 1.92 -14.81 -0.02
N ASP A 69 2.57 -14.69 -1.18
CA ASP A 69 2.56 -15.74 -2.20
C ASP A 69 3.93 -16.29 -2.51
N VAL A 70 4.99 -15.79 -1.86
CA VAL A 70 6.34 -16.30 -2.10
C VAL A 70 6.43 -17.76 -1.70
N LEU A 71 5.72 -18.15 -0.64
CA LEU A 71 5.77 -19.53 -0.14
C LEU A 71 4.97 -20.46 -1.04
N GLY A 72 5.40 -20.54 -2.31
CA GLY A 72 4.79 -21.45 -3.24
C GLY A 72 4.49 -20.90 -4.63
N LEU A 73 4.19 -19.61 -4.73
CA LEU A 73 3.72 -19.03 -5.98
C LEU A 73 4.70 -18.02 -6.58
N THR A 74 5.08 -16.99 -5.84
CA THR A 74 5.82 -15.86 -6.39
C THR A 74 7.18 -15.72 -5.71
N PHE A 75 7.87 -14.62 -6.01
CA PHE A 75 9.15 -14.30 -5.41
C PHE A 75 9.34 -12.79 -5.47
N ARG A 76 10.29 -12.30 -4.68
CA ARG A 76 10.61 -10.88 -4.64
C ARG A 76 11.73 -10.60 -5.63
N LYS A 77 11.47 -9.70 -6.58
CA LYS A 77 12.44 -9.42 -7.63
C LYS A 77 13.25 -8.17 -7.31
N ASP A 78 14.21 -7.88 -8.18
CA ASP A 78 15.04 -6.69 -8.08
C ASP A 78 15.21 -6.08 -9.46
N LEU A 79 15.18 -4.75 -9.52
CA LEU A 79 15.25 -4.01 -10.77
C LEU A 79 16.70 -3.63 -11.06
N PHE A 80 16.89 -2.67 -11.97
CA PHE A 80 18.21 -2.19 -12.35
C PHE A 80 19.12 -1.97 -11.16
N VAL A 81 20.34 -2.52 -11.25
CA VAL A 81 21.39 -2.33 -10.27
C VAL A 81 22.67 -1.98 -11.01
N ALA A 82 23.34 -0.93 -10.58
CA ALA A 82 24.59 -0.50 -11.18
C ALA A 82 25.67 -0.39 -10.12
N ASN A 83 26.91 -0.71 -10.49
CA ASN A 83 28.03 -0.74 -9.57
C ASN A 83 29.12 0.19 -10.05
N VAL A 84 29.94 0.69 -9.12
CA VAL A 84 31.16 1.42 -9.48
C VAL A 84 32.21 1.14 -8.42
N GLN A 85 33.45 0.97 -8.85
CA GLN A 85 34.58 0.95 -7.93
C GLN A 85 35.08 2.37 -7.73
N SER A 86 35.65 2.62 -6.55
CA SER A 86 36.10 3.97 -6.23
C SER A 86 37.51 4.05 -5.71
N PHE A 87 38.02 3.04 -5.00
CA PHE A 87 39.37 3.15 -4.45
C PHE A 87 40.44 3.33 -5.52
N PRO A 88 40.50 2.52 -6.57
CA PRO A 88 41.47 2.79 -7.62
C PRO A 88 40.85 3.56 -8.77
N PRO A 89 41.54 4.55 -9.30
CA PRO A 89 41.13 5.16 -10.58
C PRO A 89 41.52 4.28 -11.77
N ALA A 90 40.93 3.08 -11.82
CA ALA A 90 41.31 2.11 -12.84
C ALA A 90 41.07 2.62 -14.27
N PRO A 91 39.90 3.18 -14.62
CA PRO A 91 39.75 3.68 -15.99
C PRO A 91 40.68 4.85 -16.28
N GLU A 92 40.61 5.89 -15.44
CA GLU A 92 41.42 7.09 -15.51
C GLU A 92 41.12 7.93 -16.76
N ASP A 93 40.21 7.48 -17.62
CA ASP A 93 39.88 8.18 -18.86
C ASP A 93 38.55 8.92 -18.79
N LYS A 94 37.53 8.31 -18.22
CA LYS A 94 36.24 8.97 -18.02
C LYS A 94 36.32 9.82 -16.76
N LYS A 95 36.17 11.14 -16.92
CA LYS A 95 36.13 12.06 -15.78
C LYS A 95 35.39 13.32 -16.20
N PRO A 96 34.09 13.22 -16.47
CA PRO A 96 33.32 14.45 -16.73
C PRO A 96 33.30 15.38 -15.54
N LEU A 97 33.34 14.83 -14.32
CA LEU A 97 33.38 15.59 -13.08
C LEU A 97 32.12 16.43 -12.92
N THR A 98 31.92 17.03 -11.75
CA THR A 98 30.77 17.88 -11.52
C THR A 98 31.22 19.08 -10.73
N ARG A 99 30.60 20.24 -11.01
CA ARG A 99 30.91 21.45 -10.26
C ARG A 99 30.78 21.21 -8.77
N LEU A 100 29.67 20.60 -8.36
CA LEU A 100 29.51 20.22 -6.96
C LEU A 100 30.59 19.24 -6.54
N GLN A 101 30.87 18.25 -7.39
CA GLN A 101 31.87 17.26 -7.03
C GLN A 101 33.24 17.91 -6.87
N GLU A 102 33.61 18.78 -7.81
CA GLU A 102 34.92 19.42 -7.74
C GLU A 102 35.02 20.31 -6.51
N ARG A 103 33.98 21.10 -6.25
CA ARG A 103 34.01 21.99 -5.09
C ARG A 103 34.11 21.19 -3.81
N LEU A 104 33.36 20.09 -3.70
CA LEU A 104 33.34 19.33 -2.47
C LEU A 104 34.66 18.60 -2.28
N ILE A 105 35.26 18.11 -3.37
CA ILE A 105 36.56 17.46 -3.27
C ILE A 105 37.61 18.44 -2.79
N LYS A 106 37.62 19.64 -3.37
CA LYS A 106 38.55 20.66 -2.92
C LYS A 106 38.31 21.01 -1.46
N LYS A 107 37.06 20.98 -1.02
CA LYS A 107 36.77 21.22 0.39
C LYS A 107 37.36 20.12 1.26
N LEU A 108 37.09 18.86 0.93
CA LEU A 108 37.61 17.76 1.74
C LEU A 108 39.10 17.56 1.50
N GLY A 109 39.55 17.73 0.27
CA GLY A 109 40.96 17.53 -0.03
C GLY A 109 41.25 16.17 -0.59
N GLU A 110 42.38 15.58 -0.18
CA GLU A 110 42.79 14.29 -0.69
C GLU A 110 41.95 13.18 -0.09
N HIS A 111 42.04 12.00 -0.71
CA HIS A 111 41.37 10.76 -0.32
C HIS A 111 39.87 10.78 -0.56
N ALA A 112 39.34 11.82 -1.21
CA ALA A 112 37.92 11.88 -1.54
C ALA A 112 37.76 11.45 -3.00
N TYR A 113 37.08 10.33 -3.20
CA TYR A 113 36.99 9.71 -4.53
C TYR A 113 35.55 9.75 -5.02
N PRO A 114 35.29 10.32 -6.19
CA PRO A 114 33.92 10.61 -6.59
C PRO A 114 33.27 9.43 -7.31
N PHE A 115 31.98 9.58 -7.56
CA PHE A 115 31.23 8.63 -8.36
C PHE A 115 30.02 9.30 -9.00
N THR A 116 29.69 8.85 -10.20
CA THR A 116 28.60 9.40 -11.00
C THR A 116 27.78 8.27 -11.58
N PHE A 117 26.47 8.33 -11.41
CA PHE A 117 25.54 7.37 -11.97
C PHE A 117 24.56 8.09 -12.90
N GLU A 118 24.28 7.45 -14.03
CA GLU A 118 23.31 7.96 -15.00
C GLU A 118 22.16 6.98 -15.08
N ILE A 119 21.04 7.34 -14.46
CA ILE A 119 19.88 6.45 -14.42
C ILE A 119 19.32 6.30 -15.83
N PRO A 120 18.97 5.09 -16.27
CA PRO A 120 18.25 4.95 -17.53
C PRO A 120 16.83 5.49 -17.39
N PRO A 121 16.36 6.27 -18.36
CA PRO A 121 15.06 6.93 -18.21
C PRO A 121 13.90 5.97 -18.05
N ASN A 122 13.98 4.78 -18.66
CA ASN A 122 12.84 3.87 -18.66
C ASN A 122 12.46 3.41 -17.27
N LEU A 123 13.33 3.59 -16.28
CA LEU A 123 13.01 3.14 -14.94
C LEU A 123 11.86 3.97 -14.37
N PRO A 124 11.12 3.41 -13.41
CA PRO A 124 9.96 4.12 -12.88
C PRO A 124 10.34 5.04 -11.73
N CYS A 125 9.36 5.85 -11.33
CA CYS A 125 9.52 6.71 -10.18
C CYS A 125 9.30 5.91 -8.89
N SER A 126 9.80 6.45 -7.80
CA SER A 126 9.65 5.80 -6.51
C SER A 126 8.21 5.89 -6.03
N VAL A 127 7.73 4.80 -5.43
CA VAL A 127 6.40 4.78 -4.83
C VAL A 127 6.39 3.69 -3.78
N THR A 128 5.65 3.91 -2.71
CA THR A 128 5.55 2.98 -1.60
C THR A 128 4.08 2.60 -1.43
N LEU A 129 3.80 1.31 -1.31
CA LEU A 129 2.44 0.87 -1.06
C LEU A 129 2.06 1.21 0.37
N GLN A 130 0.80 1.56 0.56
CA GLN A 130 0.36 1.96 1.88
C GLN A 130 0.49 0.78 2.83
N PRO A 131 1.27 0.89 3.90
CA PRO A 131 1.47 -0.26 4.79
C PRO A 131 0.29 -0.43 5.74
N GLY A 132 -0.24 -1.64 5.80
CA GLY A 132 -1.26 -1.97 6.77
C GLY A 132 -0.72 -1.92 8.18
N PRO A 133 -1.55 -1.46 9.12
CA PRO A 133 -1.07 -1.34 10.51
C PRO A 133 -0.63 -2.67 11.11
N GLU A 134 -1.26 -3.78 10.72
CA GLU A 134 -0.86 -5.07 11.26
C GLU A 134 0.48 -5.52 10.70
N ASP A 135 0.79 -5.15 9.45
CA ASP A 135 2.06 -5.56 8.87
C ASP A 135 3.24 -4.92 9.58
N THR A 136 3.20 -3.60 9.77
CA THR A 136 4.20 -2.80 10.48
C THR A 136 5.63 -3.28 10.22
N GLY A 137 5.92 -3.63 8.98
CA GLY A 137 7.21 -4.16 8.59
C GLY A 137 8.16 -3.09 8.09
N LYS A 138 8.99 -3.47 7.12
CA LYS A 138 9.99 -2.59 6.53
C LYS A 138 9.51 -2.01 5.19
N ALA A 139 8.21 -1.69 5.12
CA ALA A 139 7.60 -1.05 3.95
C ALA A 139 7.64 -1.95 2.73
N CYS A 140 7.35 -1.38 1.56
CA CYS A 140 7.18 -2.13 0.33
C CYS A 140 7.14 -1.15 -0.84
N GLY A 141 7.16 -1.70 -2.05
CA GLY A 141 7.08 -0.90 -3.26
C GLY A 141 8.42 -0.83 -3.96
N VAL A 142 8.55 0.19 -4.80
CA VAL A 142 9.80 0.38 -5.54
C VAL A 142 10.64 1.44 -4.85
N ASP A 143 11.89 1.09 -4.55
CA ASP A 143 12.80 1.97 -3.84
C ASP A 143 14.14 2.01 -4.56
N TYR A 144 14.84 3.12 -4.41
CA TYR A 144 16.20 3.25 -4.90
C TYR A 144 17.12 3.49 -3.71
N GLU A 145 18.35 3.03 -3.82
CA GLU A 145 19.25 3.07 -2.68
C GLU A 145 20.68 3.13 -3.16
N VAL A 146 21.48 3.99 -2.52
CA VAL A 146 22.90 4.10 -2.80
C VAL A 146 23.64 3.49 -1.62
N LYS A 147 24.37 2.41 -1.87
CA LYS A 147 24.93 1.60 -0.80
C LYS A 147 26.37 1.21 -1.14
N ALA A 148 27.24 1.33 -0.14
CA ALA A 148 28.68 1.21 -0.33
C ALA A 148 29.25 0.12 0.57
N PHE A 149 30.18 -0.65 0.01
CA PHE A 149 30.78 -1.82 0.63
C PHE A 149 32.30 -1.68 0.63
N CYS A 150 32.93 -2.37 1.57
CA CYS A 150 34.32 -2.80 1.42
C CYS A 150 34.32 -4.09 0.62
N ALA A 151 35.28 -4.22 -0.29
CA ALA A 151 35.27 -5.31 -1.25
C ALA A 151 36.69 -5.83 -1.46
N GLU A 152 36.85 -6.65 -2.49
CA GLU A 152 38.12 -7.29 -2.83
C GLU A 152 38.57 -8.24 -1.70
N ASN A 153 37.67 -9.13 -1.31
CA ASN A 153 38.00 -10.14 -0.32
C ASN A 153 37.13 -11.38 -0.56
N LEU A 154 37.62 -12.52 -0.08
CA LEU A 154 36.89 -13.77 -0.26
C LEU A 154 35.60 -13.80 0.55
N GLU A 155 35.64 -13.31 1.78
CA GLU A 155 34.49 -13.35 2.68
C GLU A 155 33.83 -11.98 2.72
N GLU A 156 32.50 -11.98 2.62
CA GLU A 156 31.72 -10.76 2.65
C GLU A 156 31.07 -10.51 4.01
N LYS A 157 31.40 -11.30 5.01
CA LYS A 157 30.73 -11.19 6.30
C LYS A 157 31.20 -9.97 7.09
N ILE A 158 32.51 -9.67 7.05
CA ILE A 158 33.06 -8.64 7.92
C ILE A 158 32.54 -7.26 7.53
N HIS A 159 32.59 -6.93 6.24
CA HIS A 159 32.25 -5.58 5.82
C HIS A 159 30.76 -5.35 5.68
N LYS A 160 29.96 -6.41 5.72
CA LYS A 160 28.51 -6.25 5.53
C LYS A 160 27.92 -5.39 6.64
N ARG A 161 28.36 -5.57 7.88
CA ARG A 161 27.86 -4.76 8.97
C ARG A 161 28.33 -3.31 8.87
N ASN A 162 29.57 -3.10 8.42
CA ASN A 162 30.15 -1.77 8.35
C ASN A 162 29.88 -1.07 7.02
N SER A 163 29.17 -1.72 6.10
CA SER A 163 28.77 -1.06 4.87
C SER A 163 27.74 0.03 5.16
N VAL A 164 27.68 1.03 4.27
CA VAL A 164 26.76 2.15 4.47
C VAL A 164 25.67 2.08 3.41
N ARG A 165 24.54 2.69 3.71
CA ARG A 165 23.42 2.72 2.79
C ARG A 165 22.62 3.99 3.02
N LEU A 166 22.16 4.59 1.93
CA LEU A 166 21.35 5.80 1.96
C LEU A 166 20.16 5.60 1.03
N VAL A 167 19.01 6.08 1.45
CA VAL A 167 17.83 6.02 0.60
C VAL A 167 17.76 7.27 -0.24
N ILE A 168 17.50 7.08 -1.53
CA ILE A 168 17.25 8.18 -2.46
C ILE A 168 16.05 7.78 -3.29
N ARG A 169 15.11 8.70 -3.47
CA ARG A 169 13.91 8.38 -4.24
C ARG A 169 13.72 9.38 -5.35
N LYS A 170 13.37 8.85 -6.53
CA LYS A 170 13.19 9.64 -7.74
C LYS A 170 11.75 10.08 -7.85
N VAL A 171 11.56 11.37 -8.17
CA VAL A 171 10.23 11.94 -8.27
C VAL A 171 10.15 12.77 -9.54
N GLN A 172 8.92 12.97 -10.00
CA GLN A 172 8.62 13.77 -11.17
C GLN A 172 7.74 14.94 -10.77
N TYR A 173 7.97 16.07 -11.41
CA TYR A 173 7.24 17.29 -11.11
C TYR A 173 6.31 17.62 -12.27
N ALA A 174 5.60 18.72 -12.14
CA ALA A 174 4.58 19.06 -13.12
C ALA A 174 5.23 19.41 -14.46
N PRO A 175 4.55 19.15 -15.58
CA PRO A 175 5.04 19.63 -16.87
C PRO A 175 4.57 21.04 -17.22
N GLU A 176 3.93 21.74 -16.28
CA GLU A 176 3.55 23.15 -16.32
C GLU A 176 2.82 23.54 -17.60
N ARG A 177 2.37 22.57 -18.39
CA ARG A 177 1.77 22.88 -19.69
C ARG A 177 0.36 22.30 -19.70
N PRO A 178 -0.66 23.14 -19.56
CA PRO A 178 -2.04 22.63 -19.46
C PRO A 178 -2.54 22.17 -20.82
N GLY A 179 -3.15 20.99 -20.85
CA GLY A 179 -3.54 20.36 -22.08
C GLY A 179 -4.99 20.63 -22.47
N PRO A 180 -5.59 19.71 -23.21
CA PRO A 180 -6.99 19.88 -23.61
C PRO A 180 -7.93 19.41 -22.52
N GLN A 181 -9.05 20.10 -22.41
CA GLN A 181 -9.99 19.86 -21.32
C GLN A 181 -10.50 18.43 -21.38
N PRO A 182 -10.32 17.62 -20.34
CA PRO A 182 -10.79 16.24 -20.39
C PRO A 182 -12.31 16.20 -20.30
N THR A 183 -12.93 15.65 -21.35
CA THR A 183 -14.38 15.58 -21.41
C THR A 183 -14.79 14.16 -21.78
N ALA A 184 -15.79 13.64 -21.08
CA ALA A 184 -16.37 12.35 -21.41
C ALA A 184 -17.85 12.54 -21.69
N GLU A 185 -18.27 12.21 -22.91
CA GLU A 185 -19.66 12.29 -23.31
C GLU A 185 -20.15 10.91 -23.71
N THR A 186 -21.36 10.57 -23.26
CA THR A 186 -21.95 9.28 -23.56
C THR A 186 -23.44 9.47 -23.78
N THR A 187 -24.02 8.57 -24.57
CA THR A 187 -25.46 8.51 -24.77
C THR A 187 -25.89 7.07 -24.55
N ARG A 188 -26.89 6.88 -23.69
CA ARG A 188 -27.33 5.56 -23.29
C ARG A 188 -28.75 5.34 -23.79
N GLN A 189 -28.94 4.22 -24.49
CA GLN A 189 -30.23 3.66 -24.82
C GLN A 189 -30.39 2.34 -24.10
N PHE A 190 -31.50 2.19 -23.37
CA PHE A 190 -31.72 0.98 -22.59
C PHE A 190 -32.38 -0.13 -23.38
N LEU A 191 -32.69 0.10 -24.66
CA LEU A 191 -33.36 -0.87 -25.53
C LEU A 191 -34.78 -1.15 -25.07
N MET A 192 -35.21 -0.45 -24.01
CA MET A 192 -36.60 -0.50 -23.58
C MET A 192 -37.39 0.73 -23.98
N SER A 193 -36.72 1.88 -24.14
CA SER A 193 -37.37 3.11 -24.50
C SER A 193 -36.67 3.72 -25.72
N ASP A 194 -37.41 4.58 -26.42
CA ASP A 194 -36.91 5.26 -27.61
C ASP A 194 -36.20 6.56 -27.29
N LYS A 195 -36.18 6.98 -26.03
CA LYS A 195 -35.60 8.26 -25.65
C LYS A 195 -34.32 8.03 -24.87
N PRO A 196 -33.18 8.52 -25.34
CA PRO A 196 -31.90 8.23 -24.69
C PRO A 196 -31.59 9.21 -23.57
N LEU A 197 -30.53 8.91 -22.83
CA LEU A 197 -30.02 9.82 -21.81
C LEU A 197 -28.56 10.12 -22.13
N HIS A 198 -28.21 11.40 -22.15
CA HIS A 198 -26.87 11.83 -22.51
C HIS A 198 -26.18 12.41 -21.28
N LEU A 199 -25.01 11.88 -20.98
CA LEU A 199 -24.19 12.30 -19.84
C LEU A 199 -22.89 12.86 -20.35
N GLU A 200 -22.66 14.16 -20.09
CA GLU A 200 -21.41 14.80 -20.46
C GLU A 200 -20.78 15.38 -19.21
N ALA A 201 -19.56 14.95 -18.90
CA ALA A 201 -18.84 15.37 -17.71
C ALA A 201 -17.48 15.90 -18.11
N SER A 202 -16.97 16.84 -17.32
CA SER A 202 -15.67 17.43 -17.59
C SER A 202 -15.01 17.83 -16.27
N LEU A 203 -13.72 18.09 -16.34
CA LEU A 203 -12.97 18.65 -15.24
C LEU A 203 -12.69 20.12 -15.56
N ASP A 204 -12.29 20.88 -14.54
CA ASP A 204 -12.01 22.30 -14.80
C ASP A 204 -10.70 22.46 -15.56
N LYS A 205 -9.67 21.75 -15.14
CA LYS A 205 -8.39 21.76 -15.84
C LYS A 205 -7.81 20.35 -15.82
N GLU A 206 -6.62 20.22 -16.37
CA GLU A 206 -6.10 18.90 -16.69
C GLU A 206 -5.19 18.35 -15.61
N ILE A 207 -4.20 19.13 -15.20
CA ILE A 207 -3.20 18.71 -14.23
C ILE A 207 -3.51 19.40 -12.92
N TYR A 208 -3.68 18.63 -11.86
CA TYR A 208 -4.05 19.17 -10.57
C TYR A 208 -2.87 19.09 -9.63
N TYR A 209 -2.86 19.98 -8.65
CA TYR A 209 -1.82 19.98 -7.63
C TYR A 209 -2.36 19.28 -6.39
N HIS A 210 -1.48 18.56 -5.70
CA HIS A 210 -1.90 17.82 -4.52
C HIS A 210 -2.53 18.78 -3.51
N GLY A 211 -3.71 18.42 -3.03
CA GLY A 211 -4.44 19.26 -2.09
C GLY A 211 -5.37 20.27 -2.72
N GLU A 212 -5.32 20.43 -4.02
CA GLU A 212 -6.23 21.38 -4.67
C GLU A 212 -7.56 20.69 -4.95
N PRO A 213 -8.69 21.33 -4.65
CA PRO A 213 -9.98 20.68 -4.88
C PRO A 213 -10.20 20.35 -6.34
N ILE A 214 -10.78 19.18 -6.56
CA ILE A 214 -11.15 18.71 -7.89
C ILE A 214 -12.57 19.15 -8.16
N SER A 215 -12.78 19.91 -9.21
CA SER A 215 -14.11 20.39 -9.57
C SER A 215 -14.55 19.67 -10.84
N VAL A 216 -15.72 19.06 -10.78
CA VAL A 216 -16.28 18.31 -11.91
C VAL A 216 -17.55 19.01 -12.37
N ASN A 217 -17.64 19.25 -13.67
CA ASN A 217 -18.82 19.81 -14.31
C ASN A 217 -19.61 18.63 -14.83
N VAL A 218 -20.84 18.45 -14.34
CA VAL A 218 -21.69 17.35 -14.77
C VAL A 218 -22.94 17.91 -15.41
N HIS A 219 -23.28 17.38 -16.59
CA HIS A 219 -24.49 17.71 -17.30
C HIS A 219 -25.19 16.43 -17.73
N VAL A 220 -26.47 16.32 -17.39
CA VAL A 220 -27.26 15.16 -17.73
C VAL A 220 -28.54 15.64 -18.40
N THR A 221 -28.84 15.09 -19.57
CA THR A 221 -30.13 15.32 -20.20
C THR A 221 -30.82 13.97 -20.38
N ASN A 222 -32.00 13.84 -19.78
CA ASN A 222 -32.73 12.58 -19.75
C ASN A 222 -34.01 12.76 -20.55
N ASN A 223 -34.06 12.14 -21.72
CA ASN A 223 -35.20 12.29 -22.61
C ASN A 223 -36.31 11.29 -22.32
N THR A 224 -36.01 10.21 -21.60
CA THR A 224 -37.01 9.20 -21.31
C THR A 224 -37.66 9.44 -19.96
N ASN A 225 -38.72 8.67 -19.70
CA ASN A 225 -39.42 8.76 -18.43
C ASN A 225 -38.57 8.29 -17.26
N LYS A 226 -37.50 7.56 -17.51
CA LYS A 226 -36.65 7.06 -16.45
C LYS A 226 -35.94 8.22 -15.77
N THR A 227 -35.80 8.13 -14.46
CA THR A 227 -35.09 9.12 -13.67
C THR A 227 -33.79 8.53 -13.15
N VAL A 228 -33.09 9.30 -12.33
CA VAL A 228 -31.92 8.81 -11.62
C VAL A 228 -32.18 8.90 -10.13
N LYS A 229 -31.96 7.78 -9.43
CA LYS A 229 -32.19 7.77 -7.99
C LYS A 229 -31.05 8.46 -7.26
N LYS A 230 -29.82 8.27 -7.73
CA LYS A 230 -28.63 8.60 -6.97
C LYS A 230 -27.49 8.95 -7.91
N ILE A 231 -26.68 9.92 -7.52
CA ILE A 231 -25.54 10.36 -8.32
C ILE A 231 -24.26 9.91 -7.61
N LYS A 232 -23.48 9.08 -8.27
CA LYS A 232 -22.29 8.44 -7.70
C LYS A 232 -21.05 9.09 -8.31
N ILE A 233 -20.23 9.70 -7.46
CA ILE A 233 -19.09 10.48 -7.92
C ILE A 233 -17.87 10.06 -7.12
N SER A 234 -16.84 9.57 -7.81
CA SER A 234 -15.64 9.10 -7.14
C SER A 234 -14.46 8.97 -8.08
N VAL A 235 -13.25 9.12 -7.56
CA VAL A 235 -12.01 8.85 -8.27
C VAL A 235 -11.31 7.71 -7.58
N ARG A 236 -10.74 6.78 -8.36
CA ARG A 236 -9.90 5.75 -7.79
C ARG A 236 -8.45 5.98 -8.19
N GLN A 237 -7.55 5.58 -7.30
CA GLN A 237 -6.12 5.57 -7.55
C GLN A 237 -5.74 4.18 -8.01
N TYR A 238 -5.69 3.97 -9.32
CA TYR A 238 -5.40 2.65 -9.87
C TYR A 238 -3.99 2.68 -10.42
N ALA A 239 -3.19 1.70 -10.01
CA ALA A 239 -1.80 1.60 -10.41
C ALA A 239 -1.59 0.27 -11.13
N ASP A 240 -0.99 0.34 -12.31
CA ASP A 240 -0.74 -0.85 -13.10
C ASP A 240 0.59 -1.45 -12.66
N ILE A 241 0.53 -2.53 -11.88
CA ILE A 241 1.73 -3.24 -11.48
C ILE A 241 2.05 -4.22 -12.59
N CYS A 242 2.68 -3.75 -13.65
CA CYS A 242 2.79 -4.53 -14.87
C CYS A 242 4.09 -5.33 -14.91
N LEU A 243 4.23 -6.13 -15.96
CA LEU A 243 5.27 -7.15 -16.04
C LEU A 243 5.21 -8.05 -14.81
N PHE A 244 3.99 -8.36 -14.41
CA PHE A 244 3.69 -9.09 -13.18
C PHE A 244 2.35 -9.79 -13.42
N ASN A 245 1.62 -10.09 -12.34
CA ASN A 245 0.23 -10.49 -12.48
C ASN A 245 -0.60 -9.39 -13.14
N THR A 246 -0.10 -8.15 -13.11
CA THR A 246 -0.78 -7.00 -13.70
C THR A 246 -2.18 -6.82 -13.14
N ALA A 247 -2.32 -7.01 -11.82
CA ALA A 247 -3.59 -6.81 -11.14
C ALA A 247 -3.76 -5.33 -10.80
N GLN A 248 -4.22 -4.57 -11.79
CA GLN A 248 -4.53 -3.17 -11.58
C GLN A 248 -5.65 -3.05 -10.55
N TYR A 249 -5.33 -2.45 -9.40
CA TYR A 249 -6.27 -2.40 -8.30
C TYR A 249 -7.18 -1.17 -8.40
N LYS A 250 -8.46 -1.37 -8.12
CA LYS A 250 -9.49 -0.35 -8.22
C LYS A 250 -9.84 0.11 -6.81
N CYS A 251 -9.09 1.06 -6.28
CA CYS A 251 -9.34 1.53 -4.92
C CYS A 251 -9.70 3.00 -4.93
N PRO A 252 -10.90 3.38 -4.49
CA PRO A 252 -11.29 4.79 -4.49
C PRO A 252 -10.50 5.58 -3.46
N VAL A 253 -10.38 6.88 -3.73
CA VAL A 253 -9.75 7.79 -2.78
C VAL A 253 -10.63 8.97 -2.42
N ALA A 254 -11.57 9.37 -3.29
CA ALA A 254 -12.47 10.47 -2.98
C ALA A 254 -13.88 10.03 -3.30
N MET A 255 -14.81 10.33 -2.39
CA MET A 255 -16.19 9.87 -2.46
C MET A 255 -17.14 11.05 -2.45
N GLU A 256 -18.18 10.98 -3.28
CA GLU A 256 -19.19 12.02 -3.30
C GLU A 256 -20.54 11.40 -3.59
N GLU A 257 -21.48 11.58 -2.67
CA GLU A 257 -22.84 11.08 -2.81
C GLU A 257 -23.75 12.24 -3.13
N ALA A 258 -24.54 12.11 -4.19
CA ALA A 258 -25.55 13.10 -4.54
C ALA A 258 -26.88 12.39 -4.76
N ASP A 259 -27.83 12.64 -3.87
CA ASP A 259 -29.15 12.05 -3.95
C ASP A 259 -30.08 12.81 -4.89
N ASP A 260 -29.55 13.77 -5.64
CA ASP A 260 -30.36 14.55 -6.56
C ASP A 260 -30.92 13.67 -7.67
N THR A 261 -32.14 13.98 -8.08
CA THR A 261 -32.86 13.19 -9.07
C THR A 261 -33.13 14.03 -10.32
N VAL A 262 -33.06 13.38 -11.48
CA VAL A 262 -33.28 14.03 -12.76
C VAL A 262 -34.64 13.58 -13.30
N ALA A 263 -35.55 14.53 -13.43
CA ALA A 263 -36.91 14.24 -13.85
C ALA A 263 -36.92 13.76 -15.30
N PRO A 264 -37.99 13.09 -15.73
CA PRO A 264 -38.09 12.68 -17.13
C PRO A 264 -38.00 13.87 -18.07
N SER A 265 -37.30 13.67 -19.18
CA SER A 265 -37.15 14.69 -20.23
C SER A 265 -36.67 16.02 -19.64
N SER A 266 -35.68 15.94 -18.75
CA SER A 266 -35.22 17.10 -18.02
C SER A 266 -33.69 17.15 -18.02
N THR A 267 -33.16 18.28 -17.60
CA THR A 267 -31.73 18.53 -17.58
C THR A 267 -31.27 18.83 -16.15
N PHE A 268 -30.01 18.46 -15.88
CA PHE A 268 -29.38 18.69 -14.59
C PHE A 268 -27.95 19.13 -14.83
N CYS A 269 -27.58 20.28 -14.28
CA CYS A 269 -26.38 20.99 -14.71
C CYS A 269 -25.71 21.57 -13.48
N LYS A 270 -24.61 20.98 -13.02
CA LYS A 270 -23.93 21.65 -11.91
C LYS A 270 -22.52 21.11 -11.71
N VAL A 271 -21.87 21.63 -10.69
CA VAL A 271 -20.46 21.39 -10.42
C VAL A 271 -20.33 20.78 -9.04
N TYR A 272 -19.53 19.73 -8.94
CA TYR A 272 -19.23 19.12 -7.66
C TYR A 272 -17.77 19.38 -7.33
N THR A 273 -17.46 19.45 -6.03
CA THR A 273 -16.09 19.63 -5.57
C THR A 273 -15.71 18.48 -4.66
N LEU A 274 -14.80 17.63 -5.14
CA LEU A 274 -14.24 16.55 -4.34
C LEU A 274 -12.74 16.74 -4.24
N THR A 275 -12.22 16.61 -3.02
CA THR A 275 -10.80 16.75 -2.80
C THR A 275 -10.21 15.43 -2.33
N PRO A 276 -9.13 14.97 -2.93
CA PRO A 276 -8.51 13.73 -2.47
C PRO A 276 -7.50 14.00 -1.37
N PHE A 277 -7.56 13.25 -0.29
CA PHE A 277 -6.60 13.44 0.78
C PHE A 277 -6.41 12.13 1.52
N LEU A 278 -5.23 11.99 2.13
CA LEU A 278 -4.79 10.73 2.71
C LEU A 278 -5.25 10.56 4.16
N ALA A 279 -5.76 11.62 4.79
CA ALA A 279 -6.22 11.50 6.17
C ALA A 279 -7.38 10.53 6.30
N ASN A 280 -8.36 10.61 5.39
CA ASN A 280 -9.49 9.72 5.46
C ASN A 280 -9.14 8.29 5.06
N ASN A 281 -8.20 8.11 4.14
CA ASN A 281 -7.81 6.79 3.68
C ASN A 281 -6.73 6.17 4.55
N ARG A 282 -6.64 6.59 5.82
CA ARG A 282 -5.69 5.98 6.73
C ARG A 282 -5.96 4.49 6.88
N GLU A 283 -7.23 4.12 7.05
CA GLU A 283 -7.59 2.73 7.28
C GLU A 283 -7.35 1.85 6.06
N LYS A 284 -7.21 2.46 4.88
CA LYS A 284 -7.03 1.67 3.67
C LYS A 284 -5.64 1.06 3.63
N ARG A 285 -5.50 0.04 2.77
CA ARG A 285 -4.24 -0.65 2.59
C ARG A 285 -4.00 -0.88 1.11
N GLY A 286 -2.73 -1.02 0.74
CA GLY A 286 -2.37 -1.19 -0.64
C GLY A 286 -2.44 0.06 -1.48
N LEU A 287 -2.53 1.24 -0.85
CA LEU A 287 -2.59 2.48 -1.61
C LEU A 287 -1.19 2.97 -1.92
N ALA A 288 -1.02 3.49 -3.13
CA ALA A 288 0.28 4.00 -3.55
C ALA A 288 0.47 5.41 -3.00
N LEU A 289 1.70 5.69 -2.54
CA LEU A 289 2.01 7.00 -2.00
C LEU A 289 3.46 7.35 -2.34
N ASP A 290 3.76 8.64 -2.28
CA ASP A 290 5.04 9.15 -2.73
C ASP A 290 6.21 8.53 -1.97
N GLY A 291 7.41 8.84 -2.42
CA GLY A 291 8.59 8.17 -1.90
C GLY A 291 8.73 8.39 -0.41
N LYS A 292 9.10 7.32 0.29
CA LYS A 292 9.26 7.38 1.76
C LYS A 292 10.74 7.23 2.10
N LEU A 293 11.27 8.12 2.92
CA LEU A 293 12.66 8.05 3.37
C LEU A 293 12.79 7.14 4.59
N LYS A 294 11.90 7.30 5.55
CA LYS A 294 11.87 6.50 6.76
C LYS A 294 10.42 6.21 7.08
N HIS A 295 10.14 5.83 8.32
CA HIS A 295 8.78 5.59 8.76
C HIS A 295 7.97 6.88 8.73
N GLU A 296 8.65 8.02 8.57
CA GLU A 296 7.95 9.29 8.42
C GLU A 296 7.02 9.23 7.22
N ASP A 297 5.84 9.81 7.37
CA ASP A 297 4.78 9.65 6.38
C ASP A 297 4.91 10.69 5.26
N THR A 298 4.25 10.39 4.15
CA THR A 298 4.25 11.28 2.99
C THR A 298 2.92 11.17 2.27
N ASN A 299 2.73 12.05 1.29
CA ASN A 299 1.44 12.26 0.66
C ASN A 299 1.11 11.19 -0.37
N LEU A 300 0.00 11.36 -1.09
CA LEU A 300 -0.46 10.38 -2.05
C LEU A 300 0.45 10.32 -3.26
N ALA A 301 0.39 9.20 -3.97
CA ALA A 301 1.32 8.97 -5.06
C ALA A 301 1.08 9.94 -6.19
N SER A 302 2.14 10.61 -6.62
CA SER A 302 2.04 11.52 -7.76
C SER A 302 1.96 10.71 -9.04
N SER A 303 1.09 11.14 -9.95
CA SER A 303 0.87 10.39 -11.18
C SER A 303 2.13 10.35 -12.01
N THR A 304 2.38 9.21 -12.63
CA THR A 304 3.60 9.00 -13.41
C THR A 304 3.27 9.13 -14.89
N LEU A 305 3.96 10.04 -15.56
CA LEU A 305 3.72 10.30 -16.97
C LEU A 305 4.78 9.62 -17.83
N LEU A 306 4.38 9.22 -19.03
CA LEU A 306 5.26 8.46 -19.91
C LEU A 306 5.42 9.19 -21.24
N ARG A 307 6.49 8.85 -21.94
CA ARG A 307 6.73 9.42 -23.26
C ARG A 307 5.98 8.61 -24.30
N GLU A 308 5.35 9.31 -25.24
CA GLU A 308 4.48 8.67 -26.23
C GLU A 308 5.29 8.26 -27.47
N GLY A 309 6.30 7.44 -27.22
CA GLY A 309 7.10 6.89 -28.30
C GLY A 309 6.90 5.39 -28.42
N ALA A 310 7.85 4.63 -27.89
CA ALA A 310 7.67 3.18 -27.81
C ALA A 310 6.53 2.84 -26.86
N ASN A 311 6.43 3.56 -25.74
CA ASN A 311 5.40 3.32 -24.72
C ASN A 311 5.45 1.87 -24.24
N ARG A 312 6.66 1.34 -24.13
CA ARG A 312 6.86 -0.04 -23.72
C ARG A 312 6.34 -0.25 -22.30
N GLU A 313 5.99 -1.49 -21.98
CA GLU A 313 5.49 -1.78 -20.64
C GLU A 313 6.59 -1.51 -19.63
N ILE A 314 6.50 -0.36 -18.97
CA ILE A 314 7.58 0.09 -18.10
C ILE A 314 7.68 -0.84 -16.90
N LEU A 315 8.91 -1.21 -16.56
CA LEU A 315 9.13 -1.95 -15.33
C LEU A 315 8.59 -1.16 -14.15
N GLY A 316 7.99 -1.86 -13.20
CA GLY A 316 7.57 -1.23 -11.97
C GLY A 316 6.17 -0.67 -12.01
N ILE A 317 5.92 0.24 -11.08
CA ILE A 317 4.58 0.73 -10.81
C ILE A 317 4.33 2.02 -11.58
N ILE A 318 3.19 2.07 -12.27
CA ILE A 318 2.68 3.29 -12.89
C ILE A 318 1.34 3.61 -12.27
N VAL A 319 1.18 4.85 -11.80
CA VAL A 319 -0.04 5.29 -11.14
C VAL A 319 -0.71 6.32 -12.03
N SER A 320 -2.01 6.15 -12.26
CA SER A 320 -2.77 7.10 -13.04
C SER A 320 -4.13 7.30 -12.40
N TYR A 321 -4.66 8.50 -12.53
CA TYR A 321 -5.82 8.94 -11.78
C TYR A 321 -6.97 9.14 -12.73
N LYS A 322 -8.15 8.62 -12.36
CA LYS A 322 -9.31 8.77 -13.22
C LYS A 322 -10.56 8.82 -12.36
N VAL A 323 -11.41 9.81 -12.60
CA VAL A 323 -12.56 10.10 -11.75
C VAL A 323 -13.84 9.76 -12.50
N LYS A 324 -14.72 9.00 -11.87
CA LYS A 324 -15.93 8.53 -12.52
C LYS A 324 -17.13 9.34 -12.07
N VAL A 325 -18.07 9.51 -12.99
CA VAL A 325 -19.43 9.94 -12.69
C VAL A 325 -20.35 8.79 -13.08
N LYS A 326 -21.28 8.46 -12.19
CA LYS A 326 -22.05 7.23 -12.27
C LYS A 326 -23.50 7.56 -11.96
N LEU A 327 -24.38 7.39 -12.94
CA LEU A 327 -25.81 7.61 -12.77
C LEU A 327 -26.47 6.25 -12.61
N VAL A 328 -27.25 6.09 -11.53
CA VAL A 328 -27.97 4.86 -11.28
C VAL A 328 -29.47 5.15 -11.35
N VAL A 329 -30.16 4.40 -12.18
CA VAL A 329 -31.59 4.56 -12.34
C VAL A 329 -32.31 3.68 -11.33
N SER A 330 -33.57 3.99 -11.07
CA SER A 330 -34.37 3.27 -10.09
C SER A 330 -35.47 2.48 -10.80
N ARG A 331 -35.42 1.16 -10.66
CA ARG A 331 -36.47 0.28 -11.13
C ARG A 331 -37.13 -0.37 -9.93
N GLY A 332 -38.45 -0.28 -9.85
CA GLY A 332 -39.19 -0.91 -8.78
C GLY A 332 -39.75 -2.25 -9.18
N GLY A 333 -39.06 -3.32 -8.80
CA GLY A 333 -39.49 -4.68 -9.10
C GLY A 333 -39.95 -5.35 -7.82
N LEU A 334 -41.04 -6.11 -7.92
CA LEU A 334 -41.73 -6.65 -6.76
C LEU A 334 -42.03 -5.53 -5.77
N LEU A 335 -42.90 -4.63 -6.24
CA LEU A 335 -43.17 -3.34 -5.61
C LEU A 335 -41.96 -2.43 -5.74
N GLY A 336 -41.40 -1.99 -4.62
CA GLY A 336 -40.35 -0.99 -4.67
C GLY A 336 -38.96 -1.59 -4.88
N ASP A 337 -38.07 -0.77 -5.44
CA ASP A 337 -36.63 -1.04 -5.52
C ASP A 337 -36.29 -2.26 -6.35
N LEU A 338 -35.10 -2.81 -6.12
CA LEU A 338 -34.49 -3.90 -6.88
C LEU A 338 -33.98 -3.43 -8.24
N ALA A 339 -33.51 -2.18 -8.30
CA ALA A 339 -32.86 -1.69 -9.49
C ALA A 339 -31.43 -2.21 -9.57
N SER A 340 -31.01 -2.59 -10.78
CA SER A 340 -29.68 -3.15 -11.00
C SER A 340 -29.06 -2.62 -12.28
N SER A 341 -29.15 -1.32 -12.52
CA SER A 341 -28.55 -0.70 -13.70
C SER A 341 -27.78 0.55 -13.33
N ASP A 342 -26.79 0.88 -14.14
CA ASP A 342 -25.88 1.98 -13.87
C ASP A 342 -25.14 2.34 -15.15
N VAL A 343 -24.93 3.64 -15.35
CA VAL A 343 -24.20 4.16 -16.50
C VAL A 343 -23.16 5.14 -16.00
N ALA A 344 -21.90 4.88 -16.28
CA ALA A 344 -20.82 5.69 -15.74
C ALA A 344 -19.81 6.01 -16.83
N VAL A 345 -19.21 7.19 -16.74
CA VAL A 345 -18.06 7.54 -17.57
C VAL A 345 -16.95 8.01 -16.66
N GLU A 346 -15.73 7.94 -17.18
CA GLU A 346 -14.53 8.19 -16.40
C GLU A 346 -13.66 9.21 -17.10
N LEU A 347 -13.12 10.15 -16.33
CA LEU A 347 -12.32 11.26 -16.81
C LEU A 347 -10.91 11.11 -16.27
N PRO A 348 -9.90 11.02 -17.14
CA PRO A 348 -8.53 10.89 -16.65
C PRO A 348 -7.91 12.23 -16.31
N PHE A 349 -7.01 12.22 -15.34
CA PHE A 349 -6.26 13.42 -14.98
C PHE A 349 -4.96 12.99 -14.32
N THR A 350 -4.02 13.94 -14.29
CA THR A 350 -2.70 13.70 -13.70
C THR A 350 -2.51 14.64 -12.52
N LEU A 351 -2.10 14.09 -11.38
CA LEU A 351 -1.94 14.84 -10.15
C LEU A 351 -0.50 14.71 -9.70
N MET A 352 0.17 15.85 -9.54
CA MET A 352 1.57 15.85 -9.19
C MET A 352 1.97 17.24 -8.70
N HIS A 353 3.08 17.31 -7.98
CA HIS A 353 3.54 18.56 -7.43
C HIS A 353 4.06 19.49 -8.53
N PRO A 354 4.08 20.79 -8.28
CA PRO A 354 4.77 21.70 -9.18
C PRO A 354 6.27 21.73 -8.91
N LYS A 355 7.02 22.25 -9.87
CA LYS A 355 8.45 22.39 -9.69
C LYS A 355 8.74 23.54 -8.75
N PRO A 356 9.44 23.32 -7.64
CA PRO A 356 9.86 24.44 -6.80
C PRO A 356 10.84 25.33 -7.55
N LYS A 357 10.77 26.62 -7.25
CA LYS A 357 11.65 27.59 -7.89
C LYS A 357 12.96 27.72 -7.13
N SER B 24 13.37 16.82 22.52
CA SER B 24 13.22 17.81 23.58
C SER B 24 12.67 19.12 23.02
N ASP B 25 12.99 20.22 23.69
CA ASP B 25 12.55 21.55 23.28
C ASP B 25 13.78 22.37 22.89
N ILE B 26 13.69 23.07 21.77
CA ILE B 26 14.81 23.86 21.26
C ILE B 26 14.66 25.29 21.74
N GLN B 27 15.60 25.75 22.56
CA GLN B 27 15.61 27.11 23.07
C GLN B 27 16.51 27.95 22.17
N MET B 28 15.99 29.08 21.70
CA MET B 28 16.67 29.86 20.69
C MET B 28 16.78 31.29 21.18
N THR B 29 18.00 31.81 21.23
CA THR B 29 18.28 33.11 21.86
C THR B 29 18.76 34.10 20.81
N GLN B 30 18.12 35.26 20.76
CA GLN B 30 18.40 36.26 19.74
C GLN B 30 19.12 37.45 20.38
N SER B 31 20.11 37.98 19.68
CA SER B 31 20.89 39.10 20.15
C SER B 31 21.09 40.12 19.03
N PRO B 32 21.25 41.40 19.37
CA PRO B 32 21.08 41.95 20.71
C PRO B 32 19.61 42.08 21.08
N SER B 33 19.31 42.40 22.34
CA SER B 33 17.92 42.60 22.73
C SER B 33 17.29 43.75 21.96
N SER B 34 18.02 44.85 21.80
CA SER B 34 17.56 45.97 21.00
C SER B 34 18.78 46.71 20.48
N LEU B 35 18.59 47.48 19.42
CA LEU B 35 19.69 48.19 18.80
C LEU B 35 19.17 49.47 18.16
N SER B 36 20.00 50.51 18.22
CA SER B 36 19.71 51.79 17.59
C SER B 36 20.72 52.01 16.47
N ALA B 37 20.22 52.22 15.25
CA ALA B 37 21.09 52.45 14.11
C ALA B 37 20.49 53.56 13.26
N SER B 38 21.37 54.41 12.71
CA SER B 38 20.92 55.55 11.92
C SER B 38 20.27 55.08 10.62
N VAL B 39 19.83 56.05 9.82
CA VAL B 39 19.16 55.72 8.58
C VAL B 39 20.19 55.43 7.49
N GLY B 40 19.91 54.43 6.66
CA GLY B 40 20.68 54.18 5.47
C GLY B 40 21.93 53.35 5.66
N ASP B 41 22.22 52.88 6.86
CA ASP B 41 23.48 52.20 7.12
C ASP B 41 23.28 50.70 7.30
N ARG B 42 24.40 49.99 7.25
CA ARG B 42 24.42 48.55 7.48
C ARG B 42 23.91 48.23 8.88
N VAL B 43 23.20 47.12 9.02
CA VAL B 43 22.85 46.62 10.35
C VAL B 43 22.69 45.11 10.27
N THR B 44 22.93 44.43 11.38
CA THR B 44 22.79 42.99 11.45
C THR B 44 22.20 42.58 12.79
N ILE B 45 21.45 41.47 12.78
CA ILE B 45 20.87 40.89 13.97
C ILE B 45 21.19 39.40 14.00
N THR B 46 21.69 38.91 15.12
CA THR B 46 22.13 37.52 15.21
C THR B 46 21.19 36.72 16.10
N CYS B 47 21.28 35.39 15.98
CA CYS B 47 20.52 34.50 16.85
C CYS B 47 21.25 33.17 16.90
N ARG B 48 20.99 32.40 17.96
CA ARG B 48 21.61 31.11 18.18
C ARG B 48 20.57 30.08 18.57
N ALA B 49 20.81 28.85 18.13
CA ALA B 49 19.92 27.72 18.41
C ALA B 49 20.63 26.73 19.32
N SER B 50 19.91 26.25 20.34
CA SER B 50 20.52 25.36 21.32
C SER B 50 20.96 24.05 20.67
N GLN B 51 20.16 23.53 19.75
CA GLN B 51 20.45 22.26 19.12
C GLN B 51 20.37 22.45 17.61
N SER B 52 21.10 21.62 16.88
CA SER B 52 21.22 21.78 15.44
C SER B 52 19.84 21.76 14.78
N VAL B 53 19.58 22.74 13.92
CA VAL B 53 18.28 22.91 13.30
C VAL B 53 18.35 22.74 11.79
N SER B 54 19.52 22.87 11.17
CA SER B 54 19.73 22.46 9.78
C SER B 54 18.88 23.28 8.80
N SER B 55 19.15 24.58 8.76
CA SER B 55 18.64 25.50 7.76
C SER B 55 17.12 25.61 7.74
N ALA B 56 16.44 25.03 8.73
CA ALA B 56 15.00 25.16 8.85
C ALA B 56 14.66 26.26 9.85
N VAL B 57 15.05 27.48 9.50
CA VAL B 57 14.75 28.65 10.30
C VAL B 57 14.17 29.71 9.37
N ALA B 58 13.39 30.61 9.94
CA ALA B 58 12.76 31.68 9.19
C ALA B 58 12.87 33.00 9.95
N TRP B 59 12.98 34.08 9.20
CA TRP B 59 13.09 35.43 9.71
C TRP B 59 11.84 36.21 9.36
N TYR B 60 11.28 36.91 10.36
CA TYR B 60 9.99 37.57 10.27
C TYR B 60 10.13 39.03 10.69
N GLN B 61 9.30 39.89 10.11
CA GLN B 61 9.29 41.31 10.41
C GLN B 61 7.96 41.67 11.04
N GLN B 62 7.96 42.60 11.99
CA GLN B 62 6.76 42.90 12.77
C GLN B 62 6.74 44.41 13.01
N LYS B 63 5.88 45.10 12.26
CA LYS B 63 5.57 46.49 12.55
C LYS B 63 4.68 46.57 13.79
N PRO B 64 4.82 47.61 14.61
CA PRO B 64 4.12 47.63 15.89
C PRO B 64 2.62 47.81 15.69
N GLY B 65 1.84 47.00 16.38
CA GLY B 65 0.40 47.00 16.19
C GLY B 65 -0.04 46.12 15.06
N LYS B 66 0.61 46.21 13.91
CA LYS B 66 0.25 45.38 12.77
C LYS B 66 0.80 43.97 12.94
N ALA B 67 0.22 43.05 12.19
CA ALA B 67 0.61 41.65 12.23
C ALA B 67 1.94 41.44 11.51
N PRO B 68 2.72 40.45 11.93
CA PRO B 68 4.03 40.23 11.31
C PRO B 68 3.92 39.60 9.93
N LYS B 69 5.01 39.72 9.17
CA LYS B 69 5.11 39.16 7.84
C LYS B 69 6.47 38.49 7.67
N LEU B 70 6.53 37.56 6.72
CA LEU B 70 7.71 36.73 6.52
C LEU B 70 8.77 37.48 5.73
N LEU B 71 10.03 37.29 6.12
CA LEU B 71 11.15 37.89 5.41
C LEU B 71 12.01 36.84 4.71
N ILE B 72 12.54 35.89 5.46
CA ILE B 72 13.51 34.94 4.94
C ILE B 72 13.06 33.54 5.29
N TYR B 73 12.99 32.65 4.30
CA TYR B 73 12.63 31.27 4.54
C TYR B 73 13.76 30.36 4.10
N SER B 74 13.79 29.16 4.69
CA SER B 74 14.83 28.17 4.46
C SER B 74 16.21 28.66 4.87
N ALA B 75 16.24 29.67 5.74
CA ALA B 75 17.46 30.24 6.31
C ALA B 75 18.26 31.04 5.29
N SER B 76 17.89 30.97 4.02
CA SER B 76 18.56 31.75 2.99
C SER B 76 17.61 32.59 2.16
N SER B 77 16.55 31.99 1.64
CA SER B 77 15.81 32.60 0.55
C SER B 77 14.97 33.77 1.04
N LEU B 78 14.70 34.69 0.11
CA LEU B 78 13.89 35.86 0.39
C LEU B 78 12.48 35.63 -0.15
N TYR B 79 11.49 35.81 0.71
CA TYR B 79 10.11 35.59 0.29
C TYR B 79 9.78 36.59 -0.81
N SER B 80 9.03 36.14 -1.81
CA SER B 80 8.71 36.99 -2.94
C SER B 80 8.02 38.27 -2.48
N GLY B 81 8.49 39.41 -3.00
CA GLY B 81 7.97 40.70 -2.65
C GLY B 81 8.81 41.47 -1.65
N VAL B 82 9.67 40.80 -0.91
CA VAL B 82 10.53 41.51 0.04
C VAL B 82 11.62 42.26 -0.74
N PRO B 83 12.04 43.44 -0.29
CA PRO B 83 13.13 44.13 -0.99
C PRO B 83 14.44 43.35 -0.89
N SER B 84 15.25 43.48 -1.95
CA SER B 84 16.55 42.83 -1.97
C SER B 84 17.52 43.42 -0.95
N ARG B 85 17.18 44.55 -0.35
CA ARG B 85 18.01 45.16 0.69
C ARG B 85 18.15 44.26 1.91
N PHE B 86 17.28 43.28 2.07
CA PHE B 86 17.39 42.32 3.15
C PHE B 86 18.19 41.10 2.69
N SER B 87 18.88 40.46 3.63
CA SER B 87 19.63 39.25 3.36
C SER B 87 19.83 38.51 4.66
N GLY B 88 20.24 37.25 4.56
CA GLY B 88 20.46 36.43 5.73
C GLY B 88 21.41 35.29 5.43
N SER B 89 22.11 34.85 6.46
CA SER B 89 23.09 33.78 6.32
C SER B 89 23.13 32.95 7.59
N ARG B 90 23.79 31.80 7.50
CA ARG B 90 23.86 30.85 8.59
C ARG B 90 25.29 30.38 8.78
N SER B 91 25.59 29.92 9.98
CA SER B 91 26.87 29.28 10.26
C SER B 91 26.69 28.39 11.48
N GLY B 92 26.69 27.08 11.26
CA GLY B 92 26.47 26.17 12.37
C GLY B 92 25.07 26.36 12.92
N THR B 93 24.99 26.95 14.12
CA THR B 93 23.72 27.30 14.72
C THR B 93 23.52 28.81 14.84
N ASP B 94 24.56 29.60 14.59
CA ASP B 94 24.47 31.04 14.66
C ASP B 94 23.95 31.55 13.32
N PHE B 95 22.78 32.18 13.35
CA PHE B 95 22.08 32.59 12.15
C PHE B 95 21.93 34.10 12.20
N THR B 96 22.33 34.79 11.13
CA THR B 96 22.36 36.24 11.16
C THR B 96 21.59 36.82 9.99
N LEU B 97 21.06 38.01 10.20
CA LEU B 97 20.30 38.75 9.21
C LEU B 97 20.96 40.11 9.00
N THR B 98 21.04 40.52 7.74
CA THR B 98 21.73 41.73 7.33
C THR B 98 20.79 42.63 6.55
N ILE B 99 20.73 43.90 6.96
CA ILE B 99 19.97 44.93 6.26
C ILE B 99 20.95 45.96 5.73
N SER B 100 20.83 46.28 4.44
CA SER B 100 21.78 47.17 3.79
C SER B 100 21.63 48.60 4.30
N SER B 101 20.40 49.11 4.35
CA SER B 101 20.16 50.49 4.71
C SER B 101 18.89 50.57 5.54
N LEU B 102 18.79 51.62 6.34
CA LEU B 102 17.60 51.86 7.16
C LEU B 102 16.78 53.00 6.57
N GLN B 103 15.54 52.67 6.17
CA GLN B 103 14.60 53.67 5.70
C GLN B 103 13.45 53.76 6.69
N PRO B 104 12.61 54.81 6.62
CA PRO B 104 11.48 54.90 7.54
C PRO B 104 10.54 53.71 7.48
N GLU B 105 10.64 52.87 6.45
CA GLU B 105 9.83 51.66 6.39
C GLU B 105 10.47 50.50 7.12
N ASP B 106 11.61 50.71 7.78
CA ASP B 106 12.40 49.60 8.30
C ASP B 106 12.24 49.37 9.79
N PHE B 107 12.20 50.43 10.59
CA PHE B 107 12.23 50.27 12.05
C PHE B 107 11.02 49.47 12.52
N ALA B 108 11.29 48.37 13.21
CA ALA B 108 10.26 47.41 13.62
C ALA B 108 10.88 46.46 14.64
N THR B 109 10.18 45.37 14.94
CA THR B 109 10.71 44.28 15.74
C THR B 109 10.88 43.07 14.84
N TYR B 110 12.06 42.45 14.90
CA TYR B 110 12.40 41.35 14.03
C TYR B 110 12.49 40.06 14.83
N TYR B 111 11.98 38.98 14.25
CA TYR B 111 11.85 37.72 14.96
C TYR B 111 12.44 36.60 14.11
N CYS B 112 12.71 35.47 14.74
CA CYS B 112 13.31 34.34 14.06
C CYS B 112 12.88 33.06 14.74
N GLN B 113 12.50 32.06 13.95
CA GLN B 113 11.86 30.87 14.50
C GLN B 113 12.33 29.62 13.76
N GLN B 114 12.35 28.51 14.49
CA GLN B 114 12.85 27.24 14.00
C GLN B 114 11.73 26.24 13.89
N TYR B 115 11.78 25.41 12.84
CA TYR B 115 10.69 24.47 12.56
C TYR B 115 11.18 23.10 12.15
N LYS B 116 12.45 22.77 12.41
CA LYS B 116 12.96 21.48 11.99
C LYS B 116 12.35 20.35 12.82
N TYR B 117 12.16 20.55 14.11
CA TYR B 117 11.34 19.66 14.93
C TYR B 117 10.20 20.43 15.58
N VAL B 118 9.03 19.81 15.59
CA VAL B 118 7.95 20.25 16.48
C VAL B 118 8.39 20.01 17.92
N PRO B 119 8.13 20.94 18.86
CA PRO B 119 7.41 22.19 18.71
C PRO B 119 8.22 23.32 18.09
N VAL B 120 7.50 24.24 17.46
CA VAL B 120 8.10 25.45 16.92
C VAL B 120 8.33 26.45 18.04
N THR B 121 9.56 26.93 18.16
CA THR B 121 9.92 27.90 19.19
C THR B 121 10.48 29.14 18.53
N PHE B 122 9.96 30.29 18.92
CA PHE B 122 10.48 31.55 18.43
C PHE B 122 11.54 32.09 19.37
N GLY B 123 12.10 33.24 19.03
CA GLY B 123 13.04 33.92 19.87
C GLY B 123 12.44 35.15 20.53
N GLN B 124 13.16 35.68 21.50
CA GLN B 124 12.71 36.90 22.17
C GLN B 124 12.64 38.06 21.19
N GLY B 125 13.61 38.15 20.28
CA GLY B 125 13.59 39.13 19.23
C GLY B 125 14.42 40.35 19.55
N THR B 126 14.50 41.22 18.55
CA THR B 126 15.25 42.48 18.64
C THR B 126 14.39 43.61 18.12
N LYS B 127 14.38 44.72 18.86
CA LYS B 127 13.65 45.92 18.46
C LYS B 127 14.64 46.92 17.87
N VAL B 128 14.47 47.23 16.59
CA VAL B 128 15.36 48.13 15.86
C VAL B 128 14.62 49.42 15.59
N GLU B 129 15.27 50.55 15.88
CA GLU B 129 14.71 51.87 15.66
C GLU B 129 15.80 52.81 15.17
N ILE B 130 15.40 53.80 14.39
CA ILE B 130 16.37 54.63 13.66
C ILE B 130 17.08 55.59 14.60
N LYS B 131 16.35 56.23 15.51
CA LYS B 131 16.86 57.37 16.27
C LYS B 131 17.43 58.44 15.34
N VAL B 149 -7.10 36.16 -1.45
CA VAL B 149 -5.79 35.75 -0.99
C VAL B 149 -5.50 36.34 0.38
N GLN B 150 -6.55 36.49 1.18
CA GLN B 150 -6.41 37.05 2.51
C GLN B 150 -7.04 36.12 3.55
N LEU B 151 -7.12 36.57 4.80
CA LEU B 151 -7.70 35.78 5.87
C LEU B 151 -8.45 36.72 6.80
N VAL B 152 -9.48 36.20 7.46
CA VAL B 152 -10.22 36.99 8.45
C VAL B 152 -10.22 36.22 9.76
N GLU B 153 -10.30 36.94 10.86
CA GLU B 153 -10.27 36.33 12.19
C GLU B 153 -11.16 37.12 13.14
N SER B 154 -11.80 36.40 14.05
CA SER B 154 -12.71 37.02 15.02
C SER B 154 -12.89 36.09 16.20
N GLY B 155 -13.66 36.56 17.19
CA GLY B 155 -13.99 35.77 18.36
C GLY B 155 -13.15 36.07 19.58
N GLY B 156 -12.98 37.35 19.93
CA GLY B 156 -12.18 37.72 21.08
C GLY B 156 -12.94 38.64 22.02
N GLY B 157 -12.42 38.73 23.25
CA GLY B 157 -13.03 39.60 24.24
C GLY B 157 -12.46 39.33 25.62
N LEU B 158 -13.34 39.43 26.62
CA LEU B 158 -12.99 39.25 28.02
C LEU B 158 -13.39 37.85 28.50
N VAL B 159 -12.54 37.27 29.34
CA VAL B 159 -12.75 35.95 29.86
C VAL B 159 -12.69 36.01 31.39
N GLN B 160 -13.34 35.06 32.03
CA GLN B 160 -13.27 34.84 33.46
C GLN B 160 -12.52 33.54 33.75
N PRO B 161 -11.86 33.41 34.90
CA PRO B 161 -11.11 32.18 35.19
C PRO B 161 -12.01 30.97 35.13
N GLY B 162 -11.51 29.91 34.49
CA GLY B 162 -12.31 28.73 34.24
C GLY B 162 -13.28 28.85 33.08
N GLY B 163 -13.22 29.94 32.32
CA GLY B 163 -14.12 30.15 31.20
C GLY B 163 -13.59 29.58 29.91
N SER B 164 -14.38 29.74 28.85
CA SER B 164 -14.06 29.23 27.54
C SER B 164 -14.27 30.32 26.50
N LEU B 165 -13.64 30.15 25.34
CA LEU B 165 -13.70 31.16 24.30
C LEU B 165 -13.53 30.49 22.94
N ARG B 166 -14.07 31.14 21.91
CA ARG B 166 -14.02 30.63 20.55
C ARG B 166 -13.28 31.63 19.67
N LEU B 167 -12.06 31.28 19.27
CA LEU B 167 -11.34 32.02 18.25
C LEU B 167 -11.64 31.33 16.92
N SER B 168 -11.86 32.11 15.87
CA SER B 168 -12.20 31.53 14.59
C SER B 168 -11.65 32.39 13.48
N CYS B 169 -10.86 31.81 12.59
CA CYS B 169 -10.38 32.54 11.43
C CYS B 169 -10.75 31.79 10.16
N ALA B 170 -11.38 32.51 9.23
CA ALA B 170 -11.87 31.98 7.98
C ALA B 170 -10.88 32.28 6.86
N ALA B 171 -10.72 31.31 5.98
CA ALA B 171 -9.73 31.35 4.91
C ALA B 171 -10.39 31.80 3.62
N SER B 172 -9.75 32.74 2.94
CA SER B 172 -10.23 33.24 1.66
C SER B 172 -9.10 33.13 0.66
N GLY B 173 -9.33 32.38 -0.42
CA GLY B 173 -8.37 32.30 -1.51
C GLY B 173 -7.35 31.19 -1.39
N PHE B 174 -7.26 30.53 -0.23
CA PHE B 174 -6.33 29.43 -0.06
C PHE B 174 -7.05 28.27 0.61
N ASN B 175 -6.80 27.06 0.09
CA ASN B 175 -7.57 25.88 0.40
C ASN B 175 -7.24 25.34 1.79
N VAL B 176 -8.12 24.50 2.30
CA VAL B 176 -7.92 23.94 3.64
C VAL B 176 -7.19 22.61 3.61
N TYR B 177 -7.24 21.90 2.48
CA TYR B 177 -6.46 20.68 2.34
C TYR B 177 -5.08 20.91 1.74
N SER B 178 -4.86 22.05 1.10
CA SER B 178 -3.56 22.38 0.53
C SER B 178 -2.75 23.32 1.41
N SER B 179 -3.20 23.61 2.63
CA SER B 179 -2.50 24.52 3.51
C SER B 179 -2.75 24.11 4.95
N SER B 180 -1.73 24.22 5.78
CA SER B 180 -1.85 23.99 7.21
C SER B 180 -2.04 25.32 7.92
N ILE B 181 -2.83 25.29 8.99
CA ILE B 181 -3.23 26.52 9.68
C ILE B 181 -2.71 26.45 11.11
N HIS B 182 -2.00 27.49 11.52
CA HIS B 182 -1.37 27.51 12.83
C HIS B 182 -1.87 28.71 13.63
N TRP B 183 -1.90 28.54 14.95
CA TRP B 183 -2.32 29.58 15.88
C TRP B 183 -1.17 29.87 16.83
N VAL B 184 -0.90 31.16 17.04
CA VAL B 184 0.29 31.61 17.76
C VAL B 184 -0.09 32.77 18.68
N ARG B 185 0.54 32.79 19.85
CA ARG B 185 0.32 33.85 20.82
C ARG B 185 1.11 35.10 20.46
N GLN B 186 0.75 36.20 21.12
CA GLN B 186 1.64 37.35 21.26
C GLN B 186 1.25 38.02 22.56
N ALA B 187 1.98 37.73 23.62
CA ALA B 187 1.76 38.38 24.89
C ALA B 187 2.37 39.78 24.84
N PRO B 188 1.81 40.74 25.58
CA PRO B 188 2.18 42.14 25.35
C PRO B 188 3.58 42.44 25.86
N GLY B 189 4.47 42.80 24.95
CA GLY B 189 5.83 43.13 25.29
C GLY B 189 6.82 42.01 25.18
N LYS B 190 6.41 40.84 24.70
CA LYS B 190 7.29 39.70 24.55
C LYS B 190 6.99 38.98 23.25
N GLY B 191 7.94 38.16 22.81
CA GLY B 191 7.86 37.57 21.48
C GLY B 191 6.75 36.53 21.36
N LEU B 192 6.50 36.14 20.12
CA LEU B 192 5.46 35.17 19.83
C LEU B 192 5.79 33.82 20.44
N GLU B 193 4.75 33.03 20.69
CA GLU B 193 4.89 31.66 21.16
C GLU B 193 3.88 30.79 20.44
N TRP B 194 4.34 29.68 19.89
CA TRP B 194 3.47 28.79 19.13
C TRP B 194 2.42 28.17 20.05
N VAL B 195 1.20 28.04 19.54
CA VAL B 195 0.07 27.57 20.31
C VAL B 195 -0.46 26.25 19.76
N ALA B 196 -0.91 26.25 18.50
CA ALA B 196 -1.51 25.04 17.95
C ALA B 196 -1.26 24.97 16.46
N SER B 197 -1.44 23.78 15.91
CA SER B 197 -1.28 23.55 14.49
C SER B 197 -2.31 22.53 14.04
N ILE B 198 -2.94 22.79 12.89
CA ILE B 198 -3.88 21.85 12.30
C ILE B 198 -3.46 21.61 10.85
N SER B 199 -3.49 20.34 10.45
CA SER B 199 -3.15 19.91 9.10
C SER B 199 -4.24 18.96 8.65
N SER B 200 -5.16 19.46 7.82
CA SER B 200 -6.31 18.67 7.42
C SER B 200 -5.92 17.51 6.54
N TYR B 201 -4.95 17.71 5.65
CA TYR B 201 -4.59 16.67 4.69
C TYR B 201 -4.08 15.42 5.40
N TYR B 202 -3.37 15.61 6.50
CA TYR B 202 -2.76 14.51 7.22
C TYR B 202 -3.63 14.00 8.36
N GLY B 203 -4.55 14.83 8.86
CA GLY B 203 -5.42 14.44 9.95
C GLY B 203 -4.84 14.60 11.33
N TYR B 204 -3.68 15.23 11.47
CA TYR B 204 -3.03 15.36 12.76
C TYR B 204 -3.09 16.81 13.23
N THR B 205 -3.27 16.99 14.55
CA THR B 205 -3.27 18.30 15.18
C THR B 205 -2.25 18.28 16.31
N TYR B 206 -1.49 19.37 16.43
CA TYR B 206 -0.42 19.49 17.40
C TYR B 206 -0.69 20.66 18.34
N TYR B 207 -0.32 20.51 19.60
CA TYR B 207 -0.60 21.51 20.62
C TYR B 207 0.65 21.87 21.38
N ALA B 208 0.69 23.10 21.89
CA ALA B 208 1.84 23.56 22.65
C ALA B 208 1.87 22.88 24.01
N ASP B 209 3.07 22.79 24.58
CA ASP B 209 3.27 22.01 25.80
C ASP B 209 2.48 22.60 26.97
N SER B 210 2.50 23.92 27.12
CA SER B 210 1.85 24.52 28.27
C SER B 210 0.34 24.44 28.21
N VAL B 211 -0.22 24.00 27.08
CA VAL B 211 -1.65 24.04 26.84
C VAL B 211 -2.21 22.70 26.41
N LYS B 212 -1.58 21.61 26.86
CA LYS B 212 -2.13 20.28 26.58
C LYS B 212 -3.55 20.17 27.09
N GLY B 213 -4.46 19.75 26.23
CA GLY B 213 -5.82 19.47 26.62
C GLY B 213 -6.62 20.70 26.98
N ARG B 214 -5.95 21.84 27.15
CA ARG B 214 -6.66 23.05 27.55
C ARG B 214 -7.65 23.48 26.50
N PHE B 215 -7.27 23.41 25.23
CA PHE B 215 -8.17 23.85 24.17
C PHE B 215 -8.17 22.82 23.06
N THR B 216 -9.04 23.05 22.07
CA THR B 216 -9.15 22.13 20.94
C THR B 216 -9.25 22.90 19.63
N ILE B 217 -8.59 22.39 18.59
CA ILE B 217 -8.58 23.03 17.28
C ILE B 217 -9.23 22.09 16.27
N SER B 218 -10.04 22.66 15.38
CA SER B 218 -10.73 21.86 14.38
C SER B 218 -11.06 22.74 13.18
N ALA B 219 -11.02 22.16 12.00
CA ALA B 219 -11.23 22.90 10.76
C ALA B 219 -12.51 22.43 10.08
N ASP B 220 -13.35 23.38 9.69
CA ASP B 220 -14.52 23.10 8.89
C ASP B 220 -14.13 23.23 7.42
N THR B 221 -14.03 22.09 6.75
CA THR B 221 -13.59 22.07 5.36
C THR B 221 -14.69 22.56 4.42
N SER B 222 -15.95 22.42 4.82
CA SER B 222 -17.04 22.91 3.99
C SER B 222 -16.98 24.43 3.85
N LYS B 223 -16.91 25.13 4.98
CA LYS B 223 -16.82 26.58 4.97
C LYS B 223 -15.39 27.09 4.85
N ASN B 224 -14.40 26.20 4.84
CA ASN B 224 -12.99 26.57 4.79
C ASN B 224 -12.66 27.53 5.93
N THR B 225 -12.98 27.10 7.14
CA THR B 225 -12.75 27.91 8.33
C THR B 225 -11.97 27.10 9.34
N ALA B 226 -11.29 27.80 10.25
CA ALA B 226 -10.55 27.17 11.33
C ALA B 226 -11.09 27.68 12.64
N TYR B 227 -11.49 26.77 13.52
CA TYR B 227 -12.03 27.09 14.82
C TYR B 227 -11.06 26.59 15.88
N LEU B 228 -10.88 27.37 16.93
CA LEU B 228 -10.01 27.01 18.04
C LEU B 228 -10.71 27.42 19.32
N GLN B 229 -11.00 26.44 20.17
CA GLN B 229 -11.86 26.59 21.33
C GLN B 229 -10.99 26.52 22.57
N MET B 230 -10.66 27.69 23.13
CA MET B 230 -10.24 27.78 24.52
C MET B 230 -11.30 27.19 25.42
N ASN B 231 -10.87 26.36 26.37
CA ASN B 231 -11.74 25.92 27.44
C ASN B 231 -10.95 26.00 28.74
N SER B 232 -11.55 26.61 29.76
CA SER B 232 -10.92 26.77 31.07
C SER B 232 -9.59 27.54 30.94
N LEU B 233 -9.71 28.79 30.48
CA LEU B 233 -8.54 29.64 30.36
C LEU B 233 -7.95 29.95 31.72
N ARG B 234 -6.62 29.93 31.80
CA ARG B 234 -5.94 30.25 33.04
C ARG B 234 -5.75 31.77 33.15
N ALA B 235 -5.01 32.18 34.18
CA ALA B 235 -4.69 33.59 34.34
C ALA B 235 -3.41 33.96 33.61
N GLU B 236 -2.54 32.99 33.34
CA GLU B 236 -1.28 33.30 32.68
C GLU B 236 -1.48 33.58 31.20
N ASP B 237 -2.32 32.78 30.54
CA ASP B 237 -2.47 32.83 29.09
C ASP B 237 -3.28 34.05 28.66
N THR B 238 -2.62 35.22 28.69
CA THR B 238 -3.21 36.47 28.24
C THR B 238 -2.38 37.00 27.08
N ALA B 239 -2.94 37.02 25.88
CA ALA B 239 -2.19 37.43 24.70
C ALA B 239 -3.17 37.74 23.56
N VAL B 240 -2.64 38.40 22.53
CA VAL B 240 -3.36 38.56 21.27
C VAL B 240 -3.01 37.39 20.37
N TYR B 241 -4.02 36.78 19.78
CA TYR B 241 -3.83 35.51 19.09
C TYR B 241 -3.91 35.70 17.58
N TYR B 242 -2.94 35.14 16.86
CA TYR B 242 -2.82 35.28 15.42
C TYR B 242 -2.82 33.90 14.77
N CYS B 243 -3.56 33.74 13.68
CA CYS B 243 -3.53 32.50 12.93
C CYS B 243 -2.90 32.75 11.56
N ALA B 244 -2.09 31.81 11.10
CA ALA B 244 -1.30 31.96 9.89
C ALA B 244 -1.40 30.70 9.06
N ARG B 245 -1.02 30.83 7.79
CA ARG B 245 -1.14 29.77 6.80
C ARG B 245 0.24 29.36 6.32
N SER B 246 0.43 28.06 6.10
CA SER B 246 1.66 27.54 5.53
C SER B 246 1.34 26.48 4.48
N ARG B 247 2.25 26.27 3.55
CA ARG B 247 2.02 25.29 2.51
C ARG B 247 2.07 23.89 3.10
N GLN B 248 0.97 23.15 3.01
CA GLN B 248 0.90 21.83 3.62
C GLN B 248 1.95 20.90 3.03
N PHE B 249 2.33 21.12 1.78
CA PHE B 249 3.37 20.33 1.13
C PHE B 249 4.59 21.21 0.93
N TRP B 250 5.72 20.76 1.47
CA TRP B 250 6.98 21.52 1.46
C TRP B 250 6.81 22.83 2.23
N TYR B 251 6.65 22.66 3.55
CA TYR B 251 6.56 23.79 4.47
C TYR B 251 7.62 24.84 4.19
N SER B 252 7.19 26.09 4.07
CA SER B 252 8.10 27.19 3.77
C SER B 252 7.71 28.42 4.57
N GLY B 253 7.45 28.22 5.86
CA GLY B 253 7.15 29.34 6.73
C GLY B 253 5.70 29.75 6.70
N LEU B 254 5.41 30.81 7.46
CA LEU B 254 4.04 31.30 7.64
C LEU B 254 3.83 32.51 6.74
N ASP B 255 3.51 32.23 5.47
CA ASP B 255 3.48 33.28 4.46
C ASP B 255 2.32 34.24 4.65
N TYR B 256 1.08 33.77 4.48
CA TYR B 256 -0.07 34.63 4.67
C TYR B 256 -0.44 34.65 6.15
N TRP B 257 -0.45 35.83 6.73
CA TRP B 257 -0.59 36.02 8.16
C TRP B 257 -1.95 36.63 8.45
N GLY B 258 -2.65 36.07 9.43
CA GLY B 258 -3.94 36.61 9.82
C GLY B 258 -3.80 37.84 10.70
N GLN B 259 -4.80 38.72 10.61
CA GLN B 259 -4.77 39.96 11.38
C GLN B 259 -4.86 39.66 12.87
N GLY B 260 -5.68 38.71 13.25
CA GLY B 260 -5.78 38.30 14.64
C GLY B 260 -6.67 39.23 15.45
N THR B 261 -6.99 38.78 16.66
CA THR B 261 -7.82 39.53 17.58
C THR B 261 -7.24 39.47 18.98
N LEU B 262 -7.51 40.51 19.76
CA LEU B 262 -7.01 40.60 21.12
C LEU B 262 -8.01 39.99 22.09
N VAL B 263 -7.50 39.26 23.08
CA VAL B 263 -8.31 38.68 24.13
C VAL B 263 -7.63 38.96 25.47
N THR B 264 -8.44 39.10 26.51
CA THR B 264 -7.93 39.36 27.85
C THR B 264 -8.80 38.66 28.87
N VAL B 265 -8.24 38.43 30.06
CA VAL B 265 -8.95 37.77 31.15
C VAL B 265 -8.97 38.71 32.34
N SER B 266 -10.11 38.73 33.03
CA SER B 266 -10.28 39.49 34.26
C SER B 266 -11.22 38.72 35.17
N SER B 267 -11.05 38.91 36.48
CA SER B 267 -11.88 38.21 37.46
C SER B 267 -13.09 39.06 37.85
N GLU C 150 -28.60 -64.12 -1.64
CA GLU C 150 -28.28 -63.39 -2.85
C GLU C 150 -27.27 -62.29 -2.56
N CYS C 151 -25.99 -62.65 -2.49
CA CYS C 151 -24.94 -61.67 -2.30
C CYS C 151 -23.78 -61.98 -3.25
N PHE C 152 -22.65 -61.31 -3.01
CA PHE C 152 -21.46 -61.40 -3.84
C PHE C 152 -20.27 -61.75 -2.96
N MET C 153 -19.55 -62.80 -3.33
CA MET C 153 -18.51 -63.35 -2.47
C MET C 153 -17.16 -62.71 -2.75
N VAL C 154 -16.35 -62.60 -1.70
CA VAL C 154 -14.95 -62.18 -1.80
C VAL C 154 -14.11 -63.17 -0.98
N LEU C 155 -13.14 -63.82 -1.64
CA LEU C 155 -12.35 -64.85 -0.99
C LEU C 155 -11.11 -65.25 -1.78
N ASN C 156 -9.93 -65.19 -1.15
CA ASN C 156 -8.68 -65.67 -1.74
C ASN C 156 -7.66 -65.83 -0.62
N PRO C 157 -6.90 -66.94 -0.61
CA PRO C 157 -5.96 -67.18 0.49
C PRO C 157 -4.80 -66.19 0.50
N SER C 158 -4.06 -66.12 -0.60
CA SER C 158 -2.94 -65.20 -0.68
C SER C 158 -3.19 -64.08 -1.67
N GLN C 159 -4.14 -64.25 -2.59
CA GLN C 159 -4.39 -63.21 -3.59
C GLN C 159 -4.99 -61.96 -2.95
N GLN C 160 -5.92 -62.13 -2.01
CA GLN C 160 -6.42 -60.97 -1.30
C GLN C 160 -5.32 -60.31 -0.49
N LEU C 161 -4.39 -61.11 0.04
CA LEU C 161 -3.20 -60.55 0.69
C LEU C 161 -2.42 -59.68 -0.28
N ALA C 162 -2.19 -60.17 -1.49
CA ALA C 162 -1.41 -59.42 -2.46
C ALA C 162 -2.10 -58.12 -2.84
N ILE C 163 -3.40 -58.19 -3.14
CA ILE C 163 -4.11 -56.98 -3.56
C ILE C 163 -4.21 -56.00 -2.40
N ALA C 164 -4.25 -56.53 -1.16
CA ALA C 164 -4.22 -55.65 0.00
C ALA C 164 -2.89 -54.92 0.09
N VAL C 165 -1.79 -55.63 -0.12
CA VAL C 165 -0.44 -55.10 0.11
C VAL C 165 -0.28 -53.66 -0.37
N LEU C 166 -0.72 -53.39 -1.60
CA LEU C 166 -0.54 -52.05 -2.16
C LEU C 166 -1.30 -51.00 -1.35
N SER C 167 -2.59 -51.25 -1.13
CA SER C 167 -3.40 -50.30 -0.36
C SER C 167 -2.89 -50.16 1.06
N LEU C 168 -2.49 -51.26 1.68
CA LEU C 168 -1.99 -51.21 3.06
C LEU C 168 -0.75 -50.35 3.16
N THR C 169 0.23 -50.59 2.29
CA THR C 169 1.44 -49.80 2.34
C THR C 169 1.14 -48.32 2.07
N LEU C 170 0.33 -48.06 1.03
CA LEU C 170 0.07 -46.68 0.67
C LEU C 170 -0.69 -45.94 1.78
N GLY C 171 -1.67 -46.62 2.40
CA GLY C 171 -2.41 -46.00 3.47
C GLY C 171 -1.55 -45.75 4.70
N THR C 172 -0.68 -46.70 5.04
CA THR C 172 0.22 -46.47 6.15
C THR C 172 1.10 -45.26 5.88
N PHE C 173 1.60 -45.15 4.65
CA PHE C 173 2.45 -44.00 4.32
C PHE C 173 1.67 -42.70 4.43
N THR C 174 0.43 -42.67 3.93
CA THR C 174 -0.32 -41.41 3.96
C THR C 174 -0.75 -41.03 5.36
N VAL C 175 -1.11 -42.03 6.18
CA VAL C 175 -1.50 -41.70 7.55
C VAL C 175 -0.29 -41.19 8.33
N LEU C 176 0.88 -41.79 8.09
CA LEU C 176 2.09 -41.29 8.73
C LEU C 176 2.40 -39.87 8.29
N GLU C 177 2.29 -39.60 6.99
CA GLU C 177 2.60 -38.26 6.49
C GLU C 177 1.65 -37.21 7.06
N ASN C 178 0.36 -37.52 7.08
CA ASN C 178 -0.60 -36.56 7.63
C ASN C 178 -0.39 -36.37 9.12
N LEU C 179 -0.02 -37.44 9.84
CA LEU C 179 0.27 -37.29 11.26
C LEU C 179 1.47 -36.39 11.48
N LEU C 180 2.51 -36.55 10.66
CA LEU C 180 3.68 -35.69 10.77
C LEU C 180 3.33 -34.25 10.47
N VAL C 181 2.50 -34.01 9.46
CA VAL C 181 2.09 -32.64 9.17
C VAL C 181 1.27 -32.07 10.33
N LEU C 182 0.34 -32.85 10.87
CA LEU C 182 -0.55 -32.36 11.91
C LEU C 182 0.20 -32.07 13.21
N CYS C 183 1.16 -32.92 13.57
CA CYS C 183 1.92 -32.68 14.79
C CYS C 183 2.78 -31.44 14.67
N VAL C 184 3.36 -31.21 13.48
CA VAL C 184 4.10 -29.98 13.25
C VAL C 184 3.17 -28.77 13.33
N ILE C 185 1.96 -28.88 12.75
CA ILE C 185 1.01 -27.78 12.78
C ILE C 185 0.64 -27.43 14.23
N LEU C 186 0.30 -28.45 15.02
CA LEU C 186 -0.12 -28.20 16.39
C LEU C 186 1.06 -27.83 17.29
N HIS C 187 2.28 -28.16 16.87
CA HIS C 187 3.45 -27.88 17.70
C HIS C 187 3.69 -26.37 17.82
N SER C 188 3.50 -25.63 16.74
CA SER C 188 3.75 -24.19 16.71
C SER C 188 2.45 -23.45 16.50
N ARG C 189 2.20 -22.45 17.33
CA ARG C 189 1.07 -21.56 17.13
C ARG C 189 1.36 -20.49 16.09
N SER C 190 2.60 -20.41 15.62
CA SER C 190 2.97 -19.42 14.60
C SER C 190 2.22 -19.65 13.30
N LEU C 191 1.61 -20.81 13.11
CA LEU C 191 0.82 -21.09 11.93
C LEU C 191 -0.55 -20.40 11.98
N ARG C 192 -0.91 -19.81 13.13
CA ARG C 192 -2.25 -19.25 13.31
C ARG C 192 -2.41 -17.89 12.65
N CYS C 193 -1.34 -17.33 12.08
CA CYS C 193 -1.40 -15.95 11.59
C CYS C 193 -2.39 -15.78 10.45
N ARG C 194 -2.27 -16.61 9.40
CA ARG C 194 -2.94 -16.26 8.15
C ARG C 194 -3.78 -17.45 7.73
N PRO C 195 -5.02 -17.24 7.25
CA PRO C 195 -6.00 -18.34 7.23
C PRO C 195 -5.69 -19.44 6.23
N SER C 196 -4.76 -19.22 5.31
CA SER C 196 -4.44 -20.23 4.31
C SER C 196 -4.04 -21.54 4.96
N TYR C 197 -3.08 -21.49 5.87
CA TYR C 197 -2.63 -22.73 6.50
C TYR C 197 -3.65 -23.26 7.49
N HIS C 198 -4.57 -22.43 7.98
CA HIS C 198 -5.71 -22.95 8.72
C HIS C 198 -6.52 -23.89 7.85
N PHE C 199 -6.84 -23.45 6.63
CA PHE C 199 -7.60 -24.32 5.75
C PHE C 199 -6.77 -25.50 5.27
N ILE C 200 -5.46 -25.31 5.14
CA ILE C 200 -4.59 -26.44 4.82
C ILE C 200 -4.65 -27.50 5.91
N GLY C 201 -4.65 -27.05 7.18
CA GLY C 201 -4.78 -27.99 8.28
C GLY C 201 -6.14 -28.66 8.30
N SER C 202 -7.19 -27.91 7.92
CA SER C 202 -8.51 -28.52 7.79
C SER C 202 -8.50 -29.62 6.73
N LEU C 203 -7.86 -29.36 5.59
CA LEU C 203 -7.69 -30.40 4.58
C LEU C 203 -6.89 -31.57 5.13
N ALA C 204 -5.81 -31.30 5.87
CA ALA C 204 -4.97 -32.36 6.38
C ALA C 204 -5.74 -33.28 7.33
N VAL C 205 -6.52 -32.68 8.24
CA VAL C 205 -7.30 -33.49 9.17
C VAL C 205 -8.40 -34.24 8.44
N ALA C 206 -8.98 -33.62 7.41
CA ALA C 206 -9.99 -34.32 6.61
C ALA C 206 -9.40 -35.54 5.93
N ASP C 207 -8.21 -35.41 5.34
CA ASP C 207 -7.54 -36.53 4.72
C ASP C 207 -7.19 -37.60 5.74
N LEU C 208 -6.69 -37.18 6.91
CA LEU C 208 -6.27 -38.13 7.92
C LEU C 208 -7.44 -38.93 8.48
N LEU C 209 -8.59 -38.29 8.65
CA LEU C 209 -9.73 -38.94 9.30
C LEU C 209 -10.23 -40.13 8.49
N GLY C 210 -10.27 -40.00 7.16
CA GLY C 210 -10.87 -41.04 6.35
C GLY C 210 -9.91 -42.09 5.85
N SER C 211 -8.61 -41.84 5.97
CA SER C 211 -7.63 -42.83 5.55
C SER C 211 -7.78 -44.11 6.35
N VAL C 212 -7.88 -43.97 7.68
CA VAL C 212 -8.00 -45.16 8.53
C VAL C 212 -9.30 -45.89 8.22
N ILE C 213 -10.39 -45.15 8.00
CA ILE C 213 -11.66 -45.79 7.68
C ILE C 213 -11.53 -46.56 6.38
N PHE C 214 -10.87 -45.99 5.39
CA PHE C 214 -10.73 -46.64 4.10
C PHE C 214 -9.91 -47.92 4.22
N VAL C 215 -8.81 -47.88 4.96
CA VAL C 215 -7.97 -49.06 5.10
C VAL C 215 -8.67 -50.14 5.93
N TYR C 216 -9.38 -49.73 6.98
CA TYR C 216 -10.12 -50.69 7.78
C TYR C 216 -11.23 -51.33 6.97
N SER C 217 -11.91 -50.55 6.12
CA SER C 217 -12.90 -51.11 5.23
C SER C 217 -12.26 -52.10 4.28
N PHE C 218 -11.08 -51.78 3.76
CA PHE C 218 -10.38 -52.73 2.91
C PHE C 218 -10.14 -54.04 3.62
N ILE C 219 -9.54 -54.00 4.81
CA ILE C 219 -9.16 -55.23 5.48
C ILE C 219 -10.35 -55.95 6.09
N ASP C 220 -11.52 -55.31 6.17
CA ASP C 220 -12.72 -55.98 6.66
C ASP C 220 -13.56 -56.56 5.54
N PHE C 221 -13.99 -55.73 4.59
CA PHE C 221 -14.73 -56.22 3.44
C PHE C 221 -13.94 -57.23 2.64
N HIS C 222 -12.63 -57.02 2.51
CA HIS C 222 -11.80 -57.74 1.56
C HIS C 222 -11.09 -58.92 2.21
N VAL C 223 -11.73 -59.57 3.18
CA VAL C 223 -11.22 -60.82 3.72
C VAL C 223 -12.33 -61.87 3.66
N PHE C 224 -13.47 -61.59 4.28
CA PHE C 224 -14.67 -62.39 4.11
C PHE C 224 -15.94 -61.56 4.06
N HIS C 225 -15.86 -60.24 4.20
CA HIS C 225 -17.02 -59.40 4.52
C HIS C 225 -17.67 -59.87 5.82
N ARG C 226 -16.86 -59.84 6.90
CA ARG C 226 -17.35 -60.33 8.18
C ARG C 226 -18.41 -59.40 8.78
N LYS C 227 -18.22 -58.08 8.64
CA LYS C 227 -19.15 -57.12 9.21
C LYS C 227 -20.49 -57.22 8.47
N ASP C 228 -21.59 -57.32 9.24
CA ASP C 228 -22.88 -57.65 8.65
C ASP C 228 -24.04 -56.80 9.14
N SER C 229 -23.94 -56.14 10.29
CA SER C 229 -25.06 -55.37 10.79
C SER C 229 -25.36 -54.20 9.84
N ARG C 230 -26.62 -53.76 9.85
CA ARG C 230 -27.03 -52.71 8.94
C ARG C 230 -26.20 -51.45 9.14
N ASN C 231 -26.12 -50.99 10.39
CA ASN C 231 -25.38 -49.77 10.67
C ASN C 231 -23.88 -49.94 10.43
N VAL C 232 -23.30 -51.04 10.91
CA VAL C 232 -21.85 -51.20 10.91
C VAL C 232 -21.28 -51.09 9.51
N PHE C 233 -22.11 -51.26 8.49
CA PHE C 233 -21.63 -51.11 7.12
C PHE C 233 -22.19 -49.86 6.47
N LEU C 234 -23.49 -49.60 6.62
CA LEU C 234 -24.10 -48.45 5.96
C LEU C 234 -23.50 -47.14 6.47
N PHE C 235 -23.49 -46.94 7.79
CA PHE C 235 -23.02 -45.66 8.29
C PHE C 235 -21.51 -45.58 8.23
N LYS C 236 -20.81 -46.71 8.26
CA LYS C 236 -19.36 -46.66 8.10
C LYS C 236 -18.98 -46.23 6.68
N LEU C 237 -19.66 -46.78 5.67
CA LEU C 237 -19.40 -46.33 4.32
C LEU C 237 -19.82 -44.87 4.15
N GLY C 238 -20.90 -44.48 4.81
CA GLY C 238 -21.25 -43.07 4.82
C GLY C 238 -20.13 -42.21 5.38
N GLY C 239 -19.50 -42.69 6.45
CA GLY C 239 -18.41 -41.93 7.05
C GLY C 239 -17.22 -41.79 6.13
N VAL C 240 -16.82 -42.88 5.48
CA VAL C 240 -15.66 -42.80 4.60
C VAL C 240 -15.96 -41.96 3.37
N THR C 241 -17.16 -42.09 2.82
CA THR C 241 -17.54 -41.25 1.69
C THR C 241 -17.56 -39.79 2.09
N ALA C 242 -18.05 -39.50 3.30
CA ALA C 242 -18.02 -38.13 3.81
C ALA C 242 -16.58 -37.65 3.93
N SER C 243 -15.68 -38.52 4.35
CA SER C 243 -14.28 -38.13 4.45
C SER C 243 -13.72 -37.72 3.10
N PHE C 244 -13.95 -38.55 2.08
CA PHE C 244 -13.41 -38.21 0.76
C PHE C 244 -14.05 -36.95 0.18
N THR C 245 -15.37 -36.81 0.34
CA THR C 245 -16.03 -35.62 -0.15
C THR C 245 -15.54 -34.38 0.57
N ALA C 246 -15.35 -34.48 1.89
CA ALA C 246 -14.85 -33.34 2.64
C ALA C 246 -13.44 -32.98 2.23
N SER C 247 -12.62 -33.99 1.94
CA SER C 247 -11.26 -33.71 1.50
C SER C 247 -11.28 -32.95 0.19
N VAL C 248 -12.08 -33.41 -0.77
CA VAL C 248 -12.06 -32.75 -2.07
C VAL C 248 -12.70 -31.37 -1.97
N GLY C 249 -13.67 -31.20 -1.08
CA GLY C 249 -14.23 -29.88 -0.85
C GLY C 249 -13.22 -28.93 -0.22
N SER C 250 -12.39 -29.44 0.70
CA SER C 250 -11.34 -28.61 1.26
C SER C 250 -10.31 -28.23 0.20
N LEU C 251 -10.02 -29.15 -0.72
CA LEU C 251 -9.22 -28.76 -1.88
C LEU C 251 -9.88 -27.63 -2.64
N PHE C 252 -11.19 -27.72 -2.86
CA PHE C 252 -11.87 -26.66 -3.59
C PHE C 252 -11.79 -25.33 -2.83
N LEU C 253 -11.91 -25.37 -1.51
CA LEU C 253 -11.79 -24.15 -0.71
C LEU C 253 -10.40 -23.55 -0.84
N ILE C 254 -9.35 -24.37 -0.70
CA ILE C 254 -8.00 -23.87 -0.86
C ILE C 254 -7.79 -23.32 -2.26
N ALA C 255 -8.33 -24.01 -3.26
CA ALA C 255 -8.17 -23.59 -4.65
C ALA C 255 -8.84 -22.25 -4.88
N ILE C 256 -10.05 -22.05 -4.34
CA ILE C 256 -10.71 -20.77 -4.57
C ILE C 256 -10.03 -19.67 -3.77
N ASP C 257 -9.49 -19.98 -2.60
CA ASP C 257 -8.74 -18.98 -1.85
C ASP C 257 -7.55 -18.50 -2.65
N ARG C 258 -6.72 -19.42 -3.12
CA ARG C 258 -5.55 -19.00 -3.89
C ARG C 258 -5.91 -18.44 -5.26
N TYR C 259 -7.02 -18.87 -5.86
CA TYR C 259 -7.49 -18.25 -7.09
C TYR C 259 -7.83 -16.79 -6.88
N ILE C 260 -8.62 -16.49 -5.84
CA ILE C 260 -8.99 -15.09 -5.62
C ILE C 260 -7.82 -14.28 -5.08
N SER C 261 -6.84 -14.93 -4.44
CA SER C 261 -5.64 -14.20 -4.06
C SER C 261 -4.80 -13.84 -5.27
N ILE C 262 -4.71 -14.72 -6.26
CA ILE C 262 -3.99 -14.42 -7.50
C ILE C 262 -4.80 -13.53 -8.42
N HIS C 263 -6.10 -13.38 -8.18
CA HIS C 263 -6.96 -12.53 -9.00
C HIS C 263 -7.23 -11.18 -8.36
N ARG C 264 -7.40 -11.14 -7.03
CA ARG C 264 -7.64 -9.91 -6.30
C ARG C 264 -6.69 -9.87 -5.10
N PRO C 265 -5.39 -9.67 -5.35
CA PRO C 265 -4.43 -9.70 -4.22
C PRO C 265 -4.73 -8.65 -3.16
N LEU C 266 -5.15 -7.45 -3.55
CA LEU C 266 -5.48 -6.44 -2.56
C LEU C 266 -6.82 -6.73 -1.91
N ALA C 267 -7.80 -7.19 -2.70
CA ALA C 267 -9.12 -7.48 -2.18
C ALA C 267 -9.19 -8.83 -1.47
N TYR C 268 -8.16 -9.67 -1.61
CA TYR C 268 -8.17 -10.95 -0.91
C TYR C 268 -8.17 -10.77 0.60
N LYS C 269 -7.33 -9.86 1.10
CA LYS C 269 -7.24 -9.65 2.54
C LYS C 269 -8.56 -9.10 3.09
N ARG C 270 -9.17 -8.15 2.37
CA ARG C 270 -10.43 -7.59 2.83
C ARG C 270 -11.55 -8.62 2.79
N ILE C 271 -11.63 -9.40 1.70
CA ILE C 271 -12.68 -10.40 1.59
C ILE C 271 -12.47 -11.51 2.62
N VAL C 272 -11.25 -12.02 2.73
CA VAL C 272 -10.97 -13.16 3.60
C VAL C 272 -10.59 -12.61 4.97
N THR C 273 -11.56 -12.67 5.88
CA THR C 273 -11.36 -12.34 7.29
C THR C 273 -11.61 -13.58 8.13
N ARG C 274 -11.09 -13.58 9.35
CA ARG C 274 -11.26 -14.71 10.25
C ARG C 274 -12.71 -15.10 10.46
N PRO C 275 -13.65 -14.17 10.77
CA PRO C 275 -15.04 -14.60 10.94
C PRO C 275 -15.67 -15.13 9.66
N LYS C 276 -15.46 -14.43 8.54
CA LYS C 276 -16.03 -14.89 7.27
C LYS C 276 -15.45 -16.24 6.85
N ALA C 277 -14.13 -16.41 7.01
CA ALA C 277 -13.50 -17.68 6.68
C ALA C 277 -14.03 -18.79 7.58
N VAL C 278 -14.19 -18.52 8.87
CA VAL C 278 -14.71 -19.53 9.79
C VAL C 278 -16.13 -19.92 9.38
N VAL C 279 -16.96 -18.94 9.03
CA VAL C 279 -18.34 -19.24 8.64
C VAL C 279 -18.38 -20.08 7.38
N ALA C 280 -17.60 -19.68 6.36
CA ALA C 280 -17.59 -20.44 5.11
C ALA C 280 -17.10 -21.86 5.31
N PHE C 281 -16.01 -22.00 6.08
CA PHE C 281 -15.46 -23.29 6.45
C PHE C 281 -16.48 -24.20 7.13
N CYS C 282 -17.15 -23.65 8.15
CA CYS C 282 -18.14 -24.41 8.88
C CYS C 282 -19.29 -24.83 7.97
N LEU C 283 -19.73 -23.94 7.08
CA LEU C 283 -20.88 -24.28 6.25
C LEU C 283 -20.51 -25.27 5.16
N MET C 284 -19.27 -25.20 4.65
CA MET C 284 -18.75 -26.29 3.81
C MET C 284 -18.80 -27.64 4.53
N TRP C 285 -18.25 -27.72 5.73
CA TRP C 285 -18.28 -29.03 6.39
C TRP C 285 -19.69 -29.44 6.77
N THR C 286 -20.59 -28.50 7.05
CA THR C 286 -21.97 -28.91 7.32
C THR C 286 -22.62 -29.46 6.06
N ILE C 287 -22.29 -28.87 4.90
CA ILE C 287 -22.74 -29.47 3.65
C ILE C 287 -22.21 -30.89 3.53
N ALA C 288 -20.96 -31.10 3.93
CA ALA C 288 -20.40 -32.45 3.90
C ALA C 288 -21.19 -33.39 4.80
N ILE C 289 -21.47 -32.96 6.02
CA ILE C 289 -22.17 -33.80 6.99
C ILE C 289 -23.56 -34.15 6.48
N VAL C 290 -24.29 -33.16 5.96
CA VAL C 290 -25.65 -33.42 5.53
C VAL C 290 -25.66 -34.29 4.28
N ILE C 291 -24.76 -34.02 3.34
CA ILE C 291 -24.74 -34.82 2.12
C ILE C 291 -24.35 -36.25 2.47
N ALA C 292 -23.65 -36.45 3.60
CA ALA C 292 -23.40 -37.80 4.06
C ALA C 292 -24.64 -38.43 4.69
N VAL C 293 -25.36 -37.66 5.51
CA VAL C 293 -26.35 -38.26 6.39
C VAL C 293 -27.69 -38.47 5.70
N LEU C 294 -28.10 -37.54 4.84
CA LEU C 294 -29.42 -37.66 4.21
C LEU C 294 -29.60 -38.92 3.38
N PRO C 295 -28.64 -39.36 2.55
CA PRO C 295 -28.83 -40.66 1.87
C PRO C 295 -29.07 -41.79 2.83
N LEU C 296 -28.41 -41.76 3.99
CA LEU C 296 -28.55 -42.81 4.99
C LEU C 296 -29.93 -42.75 5.65
N LEU C 297 -30.41 -41.56 5.99
CA LEU C 297 -31.73 -41.41 6.58
C LEU C 297 -32.82 -41.15 5.55
N GLY C 298 -32.47 -41.05 4.27
CA GLY C 298 -33.46 -40.77 3.26
C GLY C 298 -33.63 -41.85 2.22
N TRP C 299 -33.24 -41.53 0.98
CA TRP C 299 -33.53 -42.39 -0.16
C TRP C 299 -32.69 -43.66 -0.14
N ASN C 300 -33.29 -44.73 -0.67
CA ASN C 300 -32.65 -46.03 -0.82
C ASN C 300 -33.58 -46.91 -1.63
N CYS C 301 -32.99 -47.83 -2.42
CA CYS C 301 -33.80 -48.80 -3.13
C CYS C 301 -34.52 -49.75 -2.18
N GLU C 302 -34.06 -49.84 -0.93
CA GLU C 302 -34.72 -50.62 0.11
C GLU C 302 -35.62 -49.75 0.98
N LYS C 303 -35.17 -48.54 1.33
CA LYS C 303 -36.00 -47.64 2.13
C LYS C 303 -37.25 -47.23 1.38
N LEU C 304 -37.12 -46.97 0.08
CA LEU C 304 -38.24 -46.64 -0.78
C LEU C 304 -38.16 -47.52 -2.02
N GLN C 305 -39.20 -47.47 -2.84
CA GLN C 305 -39.20 -48.20 -4.10
C GLN C 305 -38.23 -47.53 -5.07
N SER C 306 -37.21 -48.27 -5.49
CA SER C 306 -36.16 -47.73 -6.34
C SER C 306 -35.34 -48.90 -6.86
N VAL C 307 -34.25 -48.60 -7.56
CA VAL C 307 -33.38 -49.61 -8.16
C VAL C 307 -32.09 -49.67 -7.37
N CYS C 308 -31.65 -50.89 -7.05
CA CYS C 308 -30.48 -51.10 -6.23
C CYS C 308 -29.20 -51.06 -7.06
N SER C 309 -28.09 -50.83 -6.38
CA SER C 309 -26.79 -50.67 -7.02
C SER C 309 -25.95 -51.92 -6.81
N ASP C 310 -25.32 -52.39 -7.87
CA ASP C 310 -24.37 -53.48 -7.76
C ASP C 310 -23.04 -53.02 -7.21
N ILE C 311 -22.66 -51.78 -7.46
CA ILE C 311 -21.40 -51.25 -6.94
C ILE C 311 -21.44 -51.03 -5.44
N PHE C 312 -22.52 -50.43 -4.93
CA PHE C 312 -22.63 -50.16 -3.50
C PHE C 312 -24.01 -50.60 -3.01
N PRO C 313 -24.09 -51.09 -1.77
CA PRO C 313 -25.19 -52.00 -1.42
C PRO C 313 -26.58 -51.39 -1.36
N HIS C 314 -26.75 -50.36 -0.54
CA HIS C 314 -28.08 -49.84 -0.22
C HIS C 314 -28.14 -48.33 -0.44
N ILE C 315 -27.65 -47.90 -1.59
CA ILE C 315 -27.72 -46.50 -2.00
C ILE C 315 -28.33 -46.44 -3.39
N ASP C 316 -29.36 -45.62 -3.56
CA ASP C 316 -29.98 -45.48 -4.86
C ASP C 316 -29.08 -44.68 -5.81
N LYS C 317 -29.28 -44.92 -7.11
CA LYS C 317 -28.48 -44.26 -8.12
C LYS C 317 -28.62 -42.74 -8.06
N THR C 318 -29.73 -42.25 -7.50
CA THR C 318 -29.97 -40.81 -7.52
C THR C 318 -28.86 -40.06 -6.79
N TYR C 319 -28.34 -40.61 -5.71
CA TYR C 319 -27.19 -39.98 -5.08
C TYR C 319 -25.88 -40.46 -5.66
N LEU C 320 -25.84 -41.62 -6.31
CA LEU C 320 -24.70 -41.92 -7.17
C LEU C 320 -24.54 -40.87 -8.25
N MET C 321 -25.61 -40.18 -8.62
CA MET C 321 -25.53 -39.01 -9.49
C MET C 321 -25.31 -37.73 -8.71
N PHE C 322 -25.89 -37.61 -7.52
CA PHE C 322 -25.74 -36.38 -6.74
C PHE C 322 -24.28 -36.17 -6.33
N TRP C 323 -23.65 -37.21 -5.78
CA TRP C 323 -22.27 -37.12 -5.36
C TRP C 323 -21.35 -36.86 -6.55
N ILE C 324 -21.58 -37.57 -7.65
CA ILE C 324 -20.72 -37.39 -8.82
C ILE C 324 -20.87 -35.96 -9.35
N GLY C 325 -22.08 -35.41 -9.28
CA GLY C 325 -22.25 -34.03 -9.69
C GLY C 325 -21.55 -33.05 -8.77
N VAL C 326 -21.70 -33.24 -7.46
CA VAL C 326 -21.12 -32.27 -6.54
C VAL C 326 -19.60 -32.29 -6.64
N VAL C 327 -19.02 -33.48 -6.83
CA VAL C 327 -17.56 -33.52 -6.99
C VAL C 327 -17.15 -33.03 -8.37
N SER C 328 -17.95 -33.29 -9.41
CA SER C 328 -17.54 -32.93 -10.76
C SER C 328 -17.58 -31.42 -10.95
N VAL C 329 -18.59 -30.74 -10.41
CA VAL C 329 -18.67 -29.31 -10.60
C VAL C 329 -17.47 -28.62 -9.96
N LEU C 330 -17.16 -29.01 -8.73
CA LEU C 330 -16.00 -28.42 -8.06
C LEU C 330 -14.71 -28.79 -8.76
N LEU C 331 -14.60 -30.02 -9.25
CA LEU C 331 -13.39 -30.42 -9.98
C LEU C 331 -13.20 -29.57 -11.23
N LEU C 332 -14.28 -29.38 -11.99
CA LEU C 332 -14.19 -28.58 -13.19
C LEU C 332 -13.83 -27.14 -12.86
N PHE C 333 -14.41 -26.59 -11.80
CA PHE C 333 -14.06 -25.24 -11.40
C PHE C 333 -12.59 -25.12 -11.04
N ILE C 334 -12.06 -26.12 -10.31
CA ILE C 334 -10.67 -26.09 -9.90
C ILE C 334 -9.74 -26.14 -11.11
N VAL C 335 -10.03 -27.07 -12.03
CA VAL C 335 -9.20 -27.21 -13.22
C VAL C 335 -9.26 -25.95 -14.05
N TYR C 336 -10.45 -25.35 -14.16
CA TYR C 336 -10.59 -24.11 -14.90
C TYR C 336 -9.79 -22.98 -14.25
N ALA C 337 -9.80 -22.91 -12.91
CA ALA C 337 -9.04 -21.89 -12.22
C ALA C 337 -7.55 -22.05 -12.48
N TYR C 338 -7.04 -23.28 -12.39
CA TYR C 338 -5.64 -23.49 -12.70
C TYR C 338 -5.32 -23.18 -14.16
N MET C 339 -6.21 -23.56 -15.07
CA MET C 339 -5.97 -23.28 -16.48
C MET C 339 -5.92 -21.78 -16.74
N TYR C 340 -6.81 -21.02 -16.08
CA TYR C 340 -6.78 -19.57 -16.21
C TYR C 340 -5.48 -19.00 -15.66
N ILE C 341 -5.01 -19.53 -14.53
CA ILE C 341 -3.75 -19.05 -13.96
C ILE C 341 -2.61 -19.29 -14.91
N LEU C 342 -2.52 -20.51 -15.46
CA LEU C 342 -1.46 -20.83 -16.39
C LEU C 342 -1.56 -20.01 -17.67
N TRP C 343 -2.78 -19.81 -18.16
CA TRP C 343 -2.97 -19.03 -19.38
C TRP C 343 -2.52 -17.59 -19.17
N LYS C 344 -2.85 -17.01 -18.02
CA LYS C 344 -2.39 -15.66 -17.72
C LYS C 344 -0.87 -15.62 -17.63
N ALA C 345 -0.26 -16.63 -16.98
CA ALA C 345 1.18 -16.64 -16.84
C ALA C 345 1.87 -16.70 -18.19
N HIS C 346 1.42 -17.59 -19.07
CA HIS C 346 2.06 -17.72 -20.39
C HIS C 346 1.74 -16.51 -21.27
N SER C 347 0.52 -15.98 -21.15
CA SER C 347 0.11 -14.83 -21.94
C SER C 347 0.80 -13.55 -21.49
N HIS C 348 1.40 -13.53 -20.30
CA HIS C 348 2.31 -12.44 -19.96
C HIS C 348 3.76 -12.78 -20.26
N ALA C 349 4.11 -14.07 -20.24
CA ALA C 349 5.43 -14.48 -20.67
C ALA C 349 5.69 -14.07 -22.11
N VAL C 350 4.67 -14.17 -22.96
CA VAL C 350 4.84 -13.69 -24.32
C VAL C 350 5.07 -12.19 -24.33
N ARG C 351 4.41 -11.44 -23.43
CA ARG C 351 4.55 -9.99 -23.44
C ARG C 351 5.90 -9.50 -22.92
N MET C 352 6.56 -10.23 -22.01
CA MET C 352 7.92 -9.81 -21.66
C MET C 352 8.85 -9.79 -22.87
N ILE C 353 8.82 -10.83 -23.70
CA ILE C 353 9.64 -10.82 -24.91
C ILE C 353 9.11 -9.80 -25.92
N GLN C 354 7.78 -9.70 -26.04
CA GLN C 354 7.21 -8.78 -27.04
C GLN C 354 7.60 -7.34 -26.75
N ARG C 355 7.38 -6.87 -25.53
CA ARG C 355 7.75 -5.50 -25.17
C ARG C 355 9.26 -5.36 -25.02
N GLY C 356 9.90 -6.31 -24.34
CA GLY C 356 11.33 -6.24 -24.11
C GLY C 356 11.71 -6.57 -22.68
N ALA C 379 8.83 -17.47 -20.98
CA ALA C 379 9.84 -16.56 -20.44
C ALA C 379 10.68 -17.24 -19.36
N ARG C 380 10.57 -16.75 -18.14
CA ARG C 380 11.33 -17.29 -17.02
C ARG C 380 10.47 -17.69 -15.83
N MET C 381 9.41 -16.92 -15.54
CA MET C 381 8.51 -17.24 -14.44
C MET C 381 7.47 -18.27 -14.82
N ASP C 382 7.06 -18.31 -16.08
CA ASP C 382 6.03 -19.24 -16.52
C ASP C 382 6.47 -20.68 -16.32
N ILE C 383 7.73 -20.99 -16.66
CA ILE C 383 8.24 -22.35 -16.46
C ILE C 383 8.27 -22.69 -14.98
N GLU C 384 8.69 -21.75 -14.15
CA GLU C 384 8.78 -22.01 -12.71
C GLU C 384 7.40 -22.31 -12.12
N LEU C 385 6.39 -21.51 -12.49
CA LEU C 385 5.04 -21.78 -11.99
C LEU C 385 4.49 -23.07 -12.56
N ALA C 386 4.74 -23.34 -13.85
CA ALA C 386 4.28 -24.57 -14.45
C ALA C 386 4.89 -25.78 -13.78
N LYS C 387 6.11 -25.66 -13.28
CA LYS C 387 6.82 -26.81 -12.71
C LYS C 387 6.00 -27.49 -11.62
N THR C 388 5.15 -26.73 -10.93
CA THR C 388 4.18 -27.32 -10.01
C THR C 388 2.77 -27.38 -10.58
N LEU C 389 2.40 -26.44 -11.47
CA LEU C 389 1.03 -26.45 -11.97
C LEU C 389 0.74 -27.68 -12.82
N VAL C 390 1.66 -28.04 -13.71
CA VAL C 390 1.39 -29.19 -14.56
C VAL C 390 1.27 -30.44 -13.71
N LEU C 391 2.13 -30.58 -12.72
CA LEU C 391 2.09 -31.78 -11.87
C LEU C 391 0.82 -31.84 -11.05
N ILE C 392 0.38 -30.70 -10.49
CA ILE C 392 -0.82 -30.75 -9.67
C ILE C 392 -2.05 -31.04 -10.52
N LEU C 393 -2.12 -30.50 -11.72
CA LEU C 393 -3.18 -30.91 -12.64
C LEU C 393 -3.07 -32.39 -12.98
N VAL C 394 -1.84 -32.89 -13.18
CA VAL C 394 -1.68 -34.30 -13.47
C VAL C 394 -2.28 -35.14 -12.35
N VAL C 395 -2.03 -34.74 -11.10
CA VAL C 395 -2.63 -35.46 -9.98
C VAL C 395 -4.15 -35.35 -10.04
N LEU C 396 -4.66 -34.12 -10.17
CA LEU C 396 -6.08 -33.87 -10.27
C LEU C 396 -6.77 -34.82 -11.24
N ILE C 397 -6.39 -34.75 -12.51
CA ILE C 397 -6.96 -35.69 -13.48
C ILE C 397 -6.66 -37.12 -13.07
N ILE C 398 -5.39 -37.51 -13.06
CA ILE C 398 -4.99 -38.91 -12.97
C ILE C 398 -5.64 -39.62 -11.78
N CYS C 399 -6.19 -38.87 -10.83
CA CYS C 399 -6.92 -39.53 -9.76
C CYS C 399 -8.44 -39.36 -9.87
N TRP C 400 -8.99 -38.14 -9.90
CA TRP C 400 -10.45 -38.10 -9.94
C TRP C 400 -11.02 -38.54 -11.27
N GLY C 401 -10.37 -38.21 -12.37
CA GLY C 401 -10.85 -38.58 -13.67
C GLY C 401 -11.09 -40.06 -13.82
N PRO C 402 -10.10 -40.90 -13.50
CA PRO C 402 -10.30 -42.34 -13.68
C PRO C 402 -11.45 -42.91 -12.85
N LEU C 403 -11.55 -42.52 -11.58
CA LEU C 403 -12.59 -43.10 -10.73
C LEU C 403 -13.97 -42.64 -11.17
N LEU C 404 -14.12 -41.36 -11.49
CA LEU C 404 -15.41 -40.88 -11.98
C LEU C 404 -15.76 -41.53 -13.31
N ALA C 405 -14.77 -41.67 -14.21
CA ALA C 405 -15.03 -42.25 -15.50
C ALA C 405 -15.44 -43.71 -15.38
N ILE C 406 -14.78 -44.47 -14.51
CA ILE C 406 -15.18 -45.85 -14.30
C ILE C 406 -16.56 -45.91 -13.68
N MET C 407 -16.84 -45.01 -12.73
CA MET C 407 -18.13 -45.04 -12.05
C MET C 407 -19.27 -44.77 -13.03
N VAL C 408 -19.08 -43.85 -13.97
CA VAL C 408 -20.18 -43.49 -14.85
C VAL C 408 -20.54 -44.64 -15.79
N TYR C 409 -19.69 -45.66 -15.91
CA TYR C 409 -20.11 -46.83 -16.69
C TYR C 409 -21.20 -47.63 -16.00
N ASP C 410 -21.54 -47.31 -14.76
CA ASP C 410 -22.64 -47.98 -14.09
C ASP C 410 -23.96 -47.72 -14.79
N VAL C 411 -24.15 -46.50 -15.32
CA VAL C 411 -25.40 -46.21 -16.00
C VAL C 411 -25.53 -47.07 -17.24
N PHE C 412 -24.42 -47.38 -17.90
CA PHE C 412 -24.45 -48.30 -19.03
C PHE C 412 -24.69 -49.72 -18.54
N GLY C 413 -25.48 -50.46 -19.31
CA GLY C 413 -25.81 -51.82 -18.95
C GLY C 413 -24.71 -52.82 -19.27
N LYS C 414 -23.45 -52.42 -19.08
CA LYS C 414 -22.34 -53.34 -19.32
C LYS C 414 -22.32 -54.45 -18.29
N MET C 415 -22.14 -54.09 -17.01
CA MET C 415 -22.20 -55.02 -15.88
C MET C 415 -21.22 -56.19 -16.07
N ASN C 416 -19.93 -55.86 -16.07
CA ASN C 416 -18.87 -56.85 -16.18
C ASN C 416 -18.23 -57.03 -14.81
N LYS C 417 -18.13 -58.29 -14.36
CA LYS C 417 -17.44 -58.56 -13.10
C LYS C 417 -15.94 -58.37 -13.24
N LEU C 418 -15.41 -58.54 -14.45
CA LEU C 418 -14.03 -58.16 -14.70
C LEU C 418 -13.85 -56.67 -14.47
N ILE C 419 -14.81 -55.87 -14.95
CA ILE C 419 -14.82 -54.44 -14.64
C ILE C 419 -14.96 -54.23 -13.14
N LYS C 420 -15.68 -55.12 -12.45
CA LYS C 420 -15.72 -55.05 -10.99
C LYS C 420 -14.34 -55.20 -10.39
N THR C 421 -13.57 -56.17 -10.88
CA THR C 421 -12.23 -56.37 -10.36
C THR C 421 -11.35 -55.14 -10.64
N VAL C 422 -11.49 -54.58 -11.83
CA VAL C 422 -10.72 -53.38 -12.18
C VAL C 422 -11.12 -52.21 -11.28
N PHE C 423 -12.41 -52.11 -10.96
CA PHE C 423 -12.85 -51.08 -10.05
C PHE C 423 -12.27 -51.29 -8.67
N ALA C 424 -12.18 -52.54 -8.23
CA ALA C 424 -11.50 -52.83 -6.97
C ALA C 424 -10.04 -52.42 -7.05
N PHE C 425 -9.43 -52.62 -8.22
CA PHE C 425 -8.05 -52.18 -8.43
C PHE C 425 -7.94 -50.68 -8.25
N CYS C 426 -8.86 -49.92 -8.83
CA CYS C 426 -8.80 -48.47 -8.75
C CYS C 426 -9.35 -47.92 -7.45
N SER C 427 -9.96 -48.78 -6.62
CA SER C 427 -10.40 -48.33 -5.31
C SER C 427 -9.23 -47.82 -4.48
N MET C 428 -8.12 -48.55 -4.51
CA MET C 428 -6.94 -48.03 -3.82
C MET C 428 -6.30 -46.86 -4.55
N LEU C 429 -6.70 -46.56 -5.80
CA LEU C 429 -6.23 -45.31 -6.39
C LEU C 429 -6.81 -44.11 -5.65
N CYS C 430 -7.96 -44.27 -5.01
CA CYS C 430 -8.47 -43.18 -4.19
C CYS C 430 -7.55 -42.90 -3.02
N LEU C 431 -7.08 -43.94 -2.33
CA LEU C 431 -6.13 -43.70 -1.26
C LEU C 431 -4.78 -43.26 -1.81
N LEU C 432 -4.47 -43.64 -3.05
CA LEU C 432 -3.29 -43.05 -3.69
C LEU C 432 -3.47 -41.54 -3.82
N ASN C 433 -4.68 -41.10 -4.15
CA ASN C 433 -4.99 -39.68 -4.17
C ASN C 433 -4.77 -39.06 -2.80
N SER C 434 -5.34 -39.68 -1.77
CA SER C 434 -5.18 -39.18 -0.41
C SER C 434 -3.72 -39.17 0.01
N THR C 435 -2.88 -39.97 -0.64
CA THR C 435 -1.46 -39.99 -0.31
C THR C 435 -0.70 -38.92 -1.07
N VAL C 436 -1.02 -38.73 -2.34
CA VAL C 436 -0.22 -37.83 -3.16
C VAL C 436 -0.59 -36.38 -2.90
N ASN C 437 -1.87 -36.10 -2.69
CA ASN C 437 -2.30 -34.72 -2.49
C ASN C 437 -1.55 -34.01 -1.37
N PRO C 438 -1.38 -34.58 -0.17
CA PRO C 438 -0.62 -33.87 0.85
C PRO C 438 0.82 -33.60 0.44
N ILE C 439 1.44 -34.53 -0.29
CA ILE C 439 2.83 -34.32 -0.71
C ILE C 439 2.92 -33.14 -1.66
N ILE C 440 2.07 -33.11 -2.68
CA ILE C 440 2.12 -32.02 -3.65
C ILE C 440 1.61 -30.71 -3.06
N TYR C 441 0.89 -30.76 -1.94
CA TYR C 441 0.41 -29.54 -1.32
C TYR C 441 1.30 -29.07 -0.17
N ALA C 442 2.24 -29.91 0.27
CA ALA C 442 3.12 -29.59 1.38
C ALA C 442 4.55 -29.32 0.94
N LEU C 443 5.07 -30.08 -0.03
CA LEU C 443 6.45 -29.90 -0.45
C LEU C 443 6.65 -28.52 -1.06
N ARG C 444 5.70 -28.05 -1.86
CA ARG C 444 5.89 -26.78 -2.56
C ARG C 444 5.79 -25.57 -1.65
N SER C 445 5.40 -25.74 -0.39
CA SER C 445 5.30 -24.64 0.56
C SER C 445 6.67 -24.39 1.20
N LYS C 446 7.22 -23.18 0.96
CA LYS C 446 8.48 -22.83 1.59
C LYS C 446 8.34 -22.75 3.11
N ASP C 447 7.23 -22.19 3.58
CA ASP C 447 6.97 -22.15 5.01
C ASP C 447 6.97 -23.56 5.59
N LEU C 448 6.21 -24.46 4.98
CA LEU C 448 6.11 -25.81 5.50
C LEU C 448 7.44 -26.53 5.41
N ARG C 449 8.19 -26.35 4.32
CA ARG C 449 9.45 -27.09 4.21
C ARG C 449 10.43 -26.66 5.29
N HIS C 450 10.58 -25.35 5.51
CA HIS C 450 11.59 -24.98 6.50
C HIS C 450 11.07 -25.24 7.90
N ALA C 451 9.75 -25.22 8.10
CA ALA C 451 9.19 -25.63 9.38
C ALA C 451 9.52 -27.09 9.68
N PHE C 452 9.45 -27.95 8.65
CA PHE C 452 9.79 -29.36 8.87
C PHE C 452 11.29 -29.55 9.04
N ARG C 453 12.10 -28.72 8.38
CA ARG C 453 13.54 -28.75 8.66
C ARG C 453 13.81 -28.43 10.11
N SER C 454 13.17 -27.38 10.64
CA SER C 454 13.40 -27.00 12.03
C SER C 454 12.59 -27.85 12.98
N MET C 455 11.26 -27.82 12.84
CA MET C 455 10.40 -28.55 13.74
C MET C 455 9.55 -29.57 12.98
N SER D 15 24.51 1.24 10.93
CA SER D 15 23.37 2.01 11.40
C SER D 15 23.63 3.51 11.29
N CYS D 16 24.13 4.09 12.38
CA CYS D 16 24.44 5.51 12.45
C CYS D 16 23.23 6.35 12.09
N TPO D 17 23.49 7.57 11.61
CA TPO D 17 22.40 8.46 11.19
CB TPO D 17 21.75 9.11 12.38
CG2 TPO D 17 22.81 9.83 13.23
OG1 TPO D 17 20.80 10.04 11.91
P TPO D 17 19.41 9.26 11.78
O1P TPO D 17 18.35 10.02 12.48
O2P TPO D 17 19.54 7.80 12.44
O3P TPO D 17 19.04 9.11 10.22
C TPO D 17 22.92 9.51 10.23
O TPO D 17 24.09 9.87 10.25
N TPO D 18 22.02 10.00 9.39
CA TPO D 18 22.36 10.98 8.37
CB TPO D 18 21.27 11.06 7.34
CG2 TPO D 18 21.46 12.28 6.45
OG1 TPO D 18 21.31 9.88 6.55
P TPO D 18 19.86 9.19 6.68
O1P TPO D 18 19.02 9.98 7.61
O2P TPO D 18 20.03 7.71 7.25
O3P TPO D 18 19.17 9.16 5.23
C TPO D 18 22.63 12.34 8.97
O TPO D 18 21.82 12.84 9.76
N ALA D 19 23.75 12.95 8.61
CA ALA D 19 24.07 14.30 9.05
C ALA D 19 24.37 15.18 7.83
N SEP D 20 24.94 16.35 8.08
CA SEP D 20 25.29 17.25 6.99
CB SEP D 20 24.09 18.12 6.61
OG SEP D 20 23.68 18.91 7.71
C SEP D 20 26.46 18.14 7.38
O SEP D 20 26.75 18.33 8.56
P SEP D 20 22.38 19.76 7.31
O1P SEP D 20 22.25 20.96 8.36
O2P SEP D 20 22.56 20.37 5.84
O3P SEP D 20 21.07 18.83 7.37
N SEP D 21 27.13 18.70 6.38
CA SEP D 21 28.28 19.56 6.64
CB SEP D 21 29.57 18.76 6.63
OG SEP D 21 30.66 19.53 7.10
C SEP D 21 28.36 20.69 5.61
O SEP D 21 27.61 20.73 4.65
P SEP D 21 31.21 18.93 8.50
O1P SEP D 21 32.64 19.58 8.82
O2P SEP D 21 31.34 17.34 8.40
O3P SEP D 21 30.19 19.31 9.67
N SEP D 22 29.29 21.61 5.85
CA SEP D 22 29.35 22.86 5.11
CB SEP D 22 30.14 23.90 5.89
OG SEP D 22 31.46 23.44 6.13
C SEP D 22 29.92 22.72 3.72
O SEP D 22 30.32 21.63 3.30
P SEP D 22 31.71 23.36 7.73
O1P SEP D 22 31.02 24.63 8.44
O2P SEP D 22 33.29 23.37 8.01
O3P SEP D 22 31.06 22.02 8.31
N LEU D 23 29.97 23.85 3.02
CA LEU D 23 30.53 23.91 1.68
C LEU D 23 30.68 25.36 1.26
N ALA D 24 31.93 25.80 1.09
CA ALA D 24 32.17 27.17 0.65
C ALA D 24 31.61 27.37 -0.74
N LYS D 25 31.02 28.55 -0.97
CA LYS D 25 30.42 28.87 -2.26
C LYS D 25 31.42 29.55 -3.17
C1 8D0 E . -16.99 -45.64 -1.90
C2 8D0 E . -16.56 -45.15 -3.13
C3 8D0 E . -15.69 -45.93 -3.88
C4 8D0 E . -15.27 -47.16 -3.43
C5 8D0 E . -15.72 -47.68 -2.20
N1 8D0 E . -22.86 -42.79 -1.89
C10 8D0 E . -15.22 -50.18 -2.65
C11 8D0 E . -14.41 -51.31 -2.05
C12 8D0 E . -15.05 -51.78 -0.75
C13 8D0 E . -15.28 -50.65 0.24
C14 8D0 E . -14.18 -52.46 -3.02
C15 8D0 E . -17.22 -48.66 1.68
C16 8D0 E . -15.07 -47.59 1.05
C17 8D0 E . -17.01 -43.77 -3.64
C18 8D0 E . -18.35 -43.88 -4.41
C19 8D0 E . -17.15 -42.79 -2.49
C20 8D0 E . -15.96 -43.20 -4.59
C21 8D0 E . -19.60 -43.72 -3.56
C22 8D0 E . -20.36 -42.45 -3.86
C23 8D0 E . -21.49 -42.62 -4.85
C24 8D0 E . -22.84 -42.22 -4.28
C25 8D0 E . -23.35 -43.19 -3.23
C6 8D0 E . -16.57 -46.88 -1.44
C7 8D0 E . -15.23 -49.01 -1.65
C8 8D0 E . -16.01 -49.46 -0.40
C9 8D0 E . -16.31 -48.29 0.54
O1 8D0 E . -17.05 -47.26 -0.23
O2 8D0 E . -12.82 -52.55 -3.41
O3 8D0 E . -14.41 -47.90 -4.20
C26 8D0 E . -22.48 -42.94 -0.81
S1 8D0 E . -22.06 -43.19 0.70
#